data_4K8C
#
_entry.id   4K8C
#
_cell.length_a   51.399
_cell.length_b   80.847
_cell.length_c   83.499
_cell.angle_alpha   90.000
_cell.angle_beta   98.480
_cell.angle_gamma   90.000
#
_symmetry.space_group_name_H-M   'P 1 21 1'
#
loop_
_entity.id
_entity.type
_entity.pdbx_description
1 polymer 'sugar kinase'
2 non-polymer ADENOSINE
3 non-polymer "ADENOSINE-5'-DIPHOSPHATE"
4 non-polymer 'DIMETHYL SULFOXIDE'
5 non-polymer 'POTASSIUM ION'
6 water water
#
_entity_poly.entity_id   1
_entity_poly.type   'polypeptide(L)'
_entity_poly.pdbx_seq_one_letter_code
;(MSE)HHHHHHSSGVDLGTENLYFQS(MSE)TRFDVLTVGNAIVDIISRCNDQFLIDNQITKAA(MSE)NLIDAERAELL
YSR(MSE)GPALEASGGSAGNTAAGVANLGGKAAYFGNVAADQLGDIFTHDIRAQGVHYQTKPKGAFPPTARS(MSE)IF
VTEDGERS(MSE)NTYLGACVELGPEDVEADVVADAKVTYFEGYLWDPPRAKEAILDCARIAHQHGRE(MSE)S(MSE)T
LSDSFCVDRYRGEFLDL(MSE)RSGKVDIVFANRQEALSLYQTDDFEEALNRIAADCKIAAVT(MSE)SENGAVILKGRE
RYYVNAIRIREVVDTTGAGDLFASGFLYGYTQGRSLEDCGKLGCLAAGIVIQQIGPRP(MSE)TSLSEAAKQAGLI
;
_entity_poly.pdbx_strand_id   A,B
#
# COMPACT_ATOMS: atom_id res chain seq x y z
N THR A 24 35.19 -2.12 -2.99
CA THR A 24 34.19 -2.79 -3.82
C THR A 24 32.97 -1.90 -3.98
N ARG A 25 32.39 -1.95 -5.17
CA ARG A 25 31.22 -1.13 -5.48
C ARG A 25 30.06 -1.55 -4.61
N PHE A 26 29.89 -2.87 -4.47
CA PHE A 26 28.75 -3.44 -3.73
C PHE A 26 29.15 -4.35 -2.56
N ASP A 27 28.40 -4.19 -1.47
CA ASP A 27 28.39 -5.15 -0.36
C ASP A 27 27.55 -6.38 -0.65
N VAL A 28 26.33 -6.17 -1.13
CA VAL A 28 25.45 -7.30 -1.35
C VAL A 28 24.67 -7.09 -2.64
N LEU A 29 24.83 -8.03 -3.57
CA LEU A 29 23.96 -8.14 -4.73
C LEU A 29 22.92 -9.21 -4.37
N THR A 30 21.65 -8.92 -4.57
CA THR A 30 20.67 -10.03 -4.43
C THR A 30 19.99 -10.31 -5.77
N VAL A 31 19.48 -11.53 -5.93
CA VAL A 31 18.88 -11.96 -7.19
C VAL A 31 17.60 -12.72 -6.84
N GLY A 32 16.49 -12.34 -7.47
CA GLY A 32 15.23 -12.98 -7.17
C GLY A 32 14.09 -12.67 -8.12
N ASN A 33 12.93 -13.20 -7.79
CA ASN A 33 11.70 -12.92 -8.51
C ASN A 33 11.16 -11.54 -8.18
N ALA A 34 11.09 -10.66 -9.19
CA ALA A 34 10.63 -9.29 -8.96
C ALA A 34 9.12 -9.26 -8.90
N ILE A 35 8.59 -8.95 -7.73
CA ILE A 35 7.14 -9.10 -7.47
C ILE A 35 6.59 -7.85 -6.81
N VAL A 36 5.35 -7.49 -7.16
CA VAL A 36 4.58 -6.49 -6.40
C VAL A 36 3.54 -7.22 -5.53
N ASP A 37 3.52 -6.90 -4.24
CA ASP A 37 2.57 -7.51 -3.32
C ASP A 37 1.25 -6.77 -3.31
N ILE A 38 0.18 -7.56 -3.25
CA ILE A 38 -1.21 -7.11 -3.13
C ILE A 38 -1.68 -7.73 -1.82
N ILE A 39 -1.91 -6.88 -0.80
CA ILE A 39 -2.01 -7.35 0.58
C ILE A 39 -3.40 -7.09 1.16
N SER A 40 -3.98 -8.13 1.78
CA SER A 40 -5.27 -7.99 2.43
C SER A 40 -5.32 -8.88 3.66
N ARG A 41 -5.98 -8.42 4.72
CA ARG A 41 -6.29 -9.27 5.86
C ARG A 41 -7.47 -10.17 5.57
N CYS A 42 -7.45 -11.41 6.06
CA CYS A 42 -8.56 -12.31 5.87
C CYS A 42 -8.84 -13.07 7.15
N ASN A 43 -10.05 -13.63 7.24
CA ASN A 43 -10.38 -14.56 8.32
C ASN A 43 -9.82 -15.97 8.05
N ASP A 44 -9.80 -16.80 9.08
CA ASP A 44 -9.21 -18.13 8.98
C ASP A 44 -9.88 -18.99 7.92
N GLN A 45 -11.20 -18.85 7.83
CA GLN A 45 -11.99 -19.68 6.94
C GLN A 45 -11.68 -19.39 5.47
N PHE A 46 -11.25 -18.17 5.17
CA PHE A 46 -10.98 -17.81 3.79
C PHE A 46 -9.91 -18.72 3.18
N LEU A 47 -8.87 -19.03 3.97
CA LEU A 47 -7.79 -19.90 3.50
C LEU A 47 -8.30 -21.30 3.21
N ILE A 48 -9.14 -21.80 4.10
CA ILE A 48 -9.73 -23.13 3.94
C ILE A 48 -10.66 -23.17 2.72
N ASP A 49 -11.56 -22.19 2.60
CA ASP A 49 -12.51 -22.13 1.49
C ASP A 49 -11.84 -22.07 0.12
N ASN A 50 -10.65 -21.48 0.09
CA ASN A 50 -9.95 -21.21 -1.17
C ASN A 50 -8.77 -22.11 -1.40
N GLN A 51 -8.62 -23.09 -0.51
CA GLN A 51 -7.57 -24.10 -0.65
C GLN A 51 -6.21 -23.41 -0.83
N ILE A 52 -5.98 -22.39 -0.02
CA ILE A 52 -4.67 -21.73 0.12
C ILE A 52 -3.87 -22.38 1.24
N THR A 53 -2.66 -22.84 0.95
CA THR A 53 -1.79 -23.40 2.00
C THR A 53 -1.28 -22.28 2.92
N LYS A 54 -1.67 -22.35 4.20
CA LYS A 54 -1.31 -21.32 5.15
C LYS A 54 0.21 -21.22 5.31
N ALA A 55 0.72 -19.98 5.35
CA ALA A 55 2.11 -19.68 5.71
C ALA A 55 3.12 -20.03 4.62
N ALA A 56 2.60 -20.37 3.44
CA ALA A 56 3.42 -20.84 2.35
C ALA A 56 3.28 -19.96 1.12
N ASN A 58 2.28 -20.11 -2.53
CA ASN A 58 1.44 -20.89 -3.44
C ASN A 58 1.57 -20.34 -4.85
N LEU A 59 2.18 -21.08 -5.76
CA LEU A 59 2.25 -20.65 -7.17
C LEU A 59 0.88 -20.80 -7.79
N ILE A 60 0.52 -19.81 -8.59
CA ILE A 60 -0.77 -19.79 -9.30
C ILE A 60 -0.63 -19.34 -10.75
N ASP A 61 -1.55 -19.82 -11.60
CA ASP A 61 -1.60 -19.34 -12.98
C ASP A 61 -2.48 -18.08 -13.13
N ALA A 62 -2.59 -17.59 -14.34
CA ALA A 62 -3.30 -16.35 -14.60
C ALA A 62 -4.78 -16.47 -14.24
N GLU A 63 -5.39 -17.58 -14.64
CA GLU A 63 -6.78 -17.85 -14.33
C GLU A 63 -7.04 -17.86 -12.82
N ARG A 64 -6.17 -18.54 -12.06
CA ARG A 64 -6.32 -18.60 -10.59
C ARG A 64 -6.08 -17.23 -9.98
N ALA A 65 -5.16 -16.45 -10.55
CA ALA A 65 -4.91 -15.10 -10.05
C ALA A 65 -6.17 -14.23 -10.16
N GLU A 66 -6.84 -14.25 -11.32
CA GLU A 66 -8.08 -13.50 -11.50
C GLU A 66 -9.16 -13.96 -10.52
N LEU A 67 -9.28 -15.27 -10.34
CA LEU A 67 -10.24 -15.83 -9.41
C LEU A 67 -9.98 -15.37 -7.98
N LEU A 68 -8.77 -15.59 -7.47
CA LEU A 68 -8.52 -15.17 -6.09
C LEU A 68 -8.69 -13.66 -5.91
N TYR A 69 -8.21 -12.87 -6.87
CA TYR A 69 -8.39 -11.43 -6.75
C TYR A 69 -9.89 -11.08 -6.63
N SER A 70 -10.76 -11.75 -7.38
CA SER A 70 -12.19 -11.44 -7.35
C SER A 70 -12.81 -11.71 -5.98
N ARG A 71 -12.15 -12.55 -5.18
CA ARG A 71 -12.64 -12.92 -3.85
C ARG A 71 -11.93 -12.13 -2.74
N GLY A 73 -10.58 -8.97 -0.58
CA GLY A 73 -11.07 -7.64 -0.17
C GLY A 73 -10.23 -6.48 -0.69
N PRO A 74 -10.60 -5.24 -0.33
CA PRO A 74 -9.78 -4.07 -0.65
C PRO A 74 -8.34 -4.29 -0.19
N ALA A 75 -7.38 -3.87 -1.02
CA ALA A 75 -5.99 -4.24 -0.79
C ALA A 75 -5.06 -3.05 -0.80
N LEU A 76 -3.83 -3.29 -0.33
CA LEU A 76 -2.74 -2.34 -0.41
CA LEU A 76 -2.74 -2.32 -0.44
C LEU A 76 -1.68 -2.95 -1.31
N GLU A 77 -1.02 -2.12 -2.15
CA GLU A 77 0.12 -2.62 -2.91
C GLU A 77 1.44 -2.10 -2.38
N ALA A 78 2.43 -3.00 -2.36
CA ALA A 78 3.79 -2.65 -1.97
C ALA A 78 4.77 -3.52 -2.74
N SER A 79 5.89 -2.93 -3.17
CA SER A 79 6.95 -3.73 -3.78
C SER A 79 7.39 -4.84 -2.87
N GLY A 80 7.53 -6.03 -3.43
CA GLY A 80 7.94 -7.23 -2.68
C GLY A 80 9.06 -7.98 -3.37
N GLY A 81 8.96 -9.31 -3.43
CA GLY A 81 10.06 -10.12 -3.90
C GLY A 81 11.05 -10.33 -2.78
N SER A 82 11.26 -11.58 -2.41
CA SER A 82 12.09 -11.91 -1.26
CA SER A 82 12.11 -11.92 -1.27
C SER A 82 13.47 -11.22 -1.29
N ALA A 83 14.26 -11.50 -2.33
CA ALA A 83 15.59 -10.89 -2.53
C ALA A 83 15.49 -9.37 -2.67
N GLY A 84 14.44 -8.89 -3.33
CA GLY A 84 14.24 -7.45 -3.45
C GLY A 84 14.14 -6.78 -2.10
N ASN A 85 13.30 -7.33 -1.22
CA ASN A 85 13.18 -6.88 0.16
C ASN A 85 14.54 -6.92 0.86
N THR A 86 15.29 -8.01 0.68
CA THR A 86 16.63 -8.11 1.29
C THR A 86 17.60 -7.02 0.82
N ALA A 87 17.64 -6.78 -0.49
CA ALA A 87 18.48 -5.70 -1.02
C ALA A 87 18.10 -4.39 -0.38
N ALA A 88 16.79 -4.08 -0.37
CA ALA A 88 16.26 -2.83 0.17
C ALA A 88 16.66 -2.66 1.62
N GLY A 89 16.63 -3.78 2.36
CA GLY A 89 16.98 -3.77 3.78
C GLY A 89 18.45 -3.46 4.03
N VAL A 90 19.33 -4.01 3.19
CA VAL A 90 20.77 -3.72 3.25
C VAL A 90 21.00 -2.23 3.01
N ALA A 91 20.34 -1.71 1.98
CA ALA A 91 20.45 -0.27 1.64
C ALA A 91 19.95 0.62 2.78
N ASN A 92 18.81 0.23 3.34
CA ASN A 92 18.23 0.93 4.51
C ASN A 92 19.21 0.98 5.69
N LEU A 93 19.86 -0.13 5.99
CA LEU A 93 20.88 -0.18 7.05
C LEU A 93 22.18 0.59 6.78
N GLY A 94 22.42 0.97 5.52
CA GLY A 94 23.60 1.77 5.15
C GLY A 94 24.62 1.08 4.27
N GLY A 95 24.32 -0.15 3.87
CA GLY A 95 25.18 -0.94 2.99
C GLY A 95 24.96 -0.62 1.52
N LYS A 96 25.83 -1.10 0.67
CA LYS A 96 25.66 -0.80 -0.74
C LYS A 96 25.14 -2.06 -1.42
N ALA A 97 23.91 -1.95 -1.93
CA ALA A 97 23.22 -3.08 -2.52
C ALA A 97 22.92 -2.94 -4.01
N ALA A 98 22.80 -4.09 -4.66
CA ALA A 98 22.39 -4.19 -6.06
C ALA A 98 21.35 -5.34 -6.18
N TYR A 99 20.55 -5.31 -7.23
CA TYR A 99 19.52 -6.31 -7.43
C TYR A 99 19.37 -6.72 -8.89
N PHE A 100 19.24 -8.03 -9.15
CA PHE A 100 18.80 -8.55 -10.46
C PHE A 100 17.41 -9.14 -10.31
N GLY A 101 16.47 -8.71 -11.16
CA GLY A 101 15.15 -9.33 -11.22
C GLY A 101 14.36 -8.70 -12.36
N ASN A 102 13.48 -9.47 -12.98
CA ASN A 102 12.85 -9.01 -14.21
C ASN A 102 11.39 -8.67 -14.03
N VAL A 103 11.07 -7.43 -14.35
CA VAL A 103 9.70 -6.96 -14.44
C VAL A 103 9.29 -6.77 -15.92
N ALA A 104 8.02 -6.44 -16.09
CA ALA A 104 7.50 -6.05 -17.41
C ALA A 104 7.48 -4.53 -17.55
N ALA A 105 7.32 -4.06 -18.79
CA ALA A 105 7.18 -2.64 -19.09
C ALA A 105 5.72 -2.26 -18.88
N ASP A 106 5.31 -2.21 -17.62
CA ASP A 106 3.93 -1.87 -17.26
C ASP A 106 3.91 -1.10 -15.95
N GLN A 107 2.73 -0.74 -15.48
CA GLN A 107 2.62 0.13 -14.32
C GLN A 107 3.12 -0.57 -13.07
N LEU A 108 2.88 -1.87 -12.96
CA LEU A 108 3.39 -2.62 -11.80
C LEU A 108 4.91 -2.68 -11.84
N GLY A 109 5.46 -2.87 -13.04
CA GLY A 109 6.89 -2.87 -13.23
C GLY A 109 7.51 -1.52 -12.90
N ASP A 110 6.84 -0.44 -13.28
CA ASP A 110 7.33 0.91 -12.94
C ASP A 110 7.34 1.15 -11.43
N ILE A 111 6.34 0.63 -10.73
CA ILE A 111 6.29 0.74 -9.27
C ILE A 111 7.48 -0.01 -8.66
N PHE A 112 7.67 -1.25 -9.09
CA PHE A 112 8.78 -2.02 -8.58
C PHE A 112 10.11 -1.31 -8.82
N THR A 113 10.29 -0.82 -10.04
CA THR A 113 11.53 -0.17 -10.40
C THR A 113 11.73 1.07 -9.55
N HIS A 114 10.68 1.87 -9.39
CA HIS A 114 10.79 3.06 -8.56
C HIS A 114 11.20 2.75 -7.13
N ASP A 115 10.51 1.80 -6.49
CA ASP A 115 10.69 1.60 -5.04
C ASP A 115 12.08 1.10 -4.69
N ILE A 116 12.61 0.18 -5.49
CA ILE A 116 13.93 -0.38 -5.21
C ILE A 116 15.03 0.64 -5.50
N ARG A 117 14.91 1.36 -6.62
CA ARG A 117 15.89 2.40 -6.93
C ARG A 117 15.80 3.57 -5.94
N ALA A 118 14.60 3.89 -5.47
CA ALA A 118 14.42 5.02 -4.54
C ALA A 118 15.08 4.75 -3.18
N GLN A 119 15.24 3.47 -2.85
CA GLN A 119 15.95 3.02 -1.65
C GLN A 119 17.47 3.08 -1.84
N GLY A 120 17.92 3.30 -3.08
CA GLY A 120 19.34 3.41 -3.39
C GLY A 120 20.03 2.08 -3.64
N VAL A 121 19.21 1.13 -4.07
CA VAL A 121 19.67 -0.13 -4.64
C VAL A 121 19.92 0.06 -6.14
N HIS A 122 21.09 -0.38 -6.61
CA HIS A 122 21.40 -0.44 -8.04
C HIS A 122 20.47 -1.49 -8.66
N TYR A 123 19.63 -1.05 -9.59
CA TYR A 123 18.70 -1.92 -10.27
C TYR A 123 18.61 -1.51 -11.72
N GLN A 124 19.10 -2.39 -12.59
CA GLN A 124 19.26 -2.05 -14.00
C GLN A 124 18.76 -3.15 -14.95
N THR A 125 18.12 -4.19 -14.43
CA THR A 125 17.56 -5.24 -15.27
C THR A 125 16.47 -4.68 -16.20
N LYS A 126 16.65 -4.90 -17.50
CA LYS A 126 15.77 -4.31 -18.52
C LYS A 126 14.52 -5.16 -18.78
N PRO A 127 13.32 -4.55 -18.75
CA PRO A 127 12.12 -5.29 -19.15
C PRO A 127 12.20 -5.70 -20.61
N LYS A 128 11.60 -6.85 -20.93
CA LYS A 128 11.62 -7.41 -22.30
C LYS A 128 10.37 -7.10 -23.13
N GLY A 129 9.47 -6.31 -22.55
CA GLY A 129 8.17 -6.02 -23.13
C GLY A 129 7.13 -5.95 -22.04
N ALA A 130 5.87 -5.80 -22.44
CA ALA A 130 4.77 -5.67 -21.47
C ALA A 130 4.14 -7.03 -21.12
N PHE A 131 4.47 -8.07 -21.90
CA PHE A 131 3.82 -9.37 -21.74
C PHE A 131 4.86 -10.50 -21.78
N PRO A 132 4.82 -11.42 -20.79
CA PRO A 132 3.94 -11.46 -19.61
C PRO A 132 4.07 -10.24 -18.71
N PRO A 133 2.99 -9.90 -17.99
CA PRO A 133 3.03 -8.71 -17.13
C PRO A 133 3.87 -8.95 -15.88
N THR A 134 4.13 -7.88 -15.15
CA THR A 134 4.94 -7.96 -13.93
C THR A 134 4.31 -8.92 -12.94
N ALA A 135 5.15 -9.73 -12.30
CA ALA A 135 4.69 -10.63 -11.26
C ALA A 135 3.99 -9.91 -10.12
N ARG A 136 2.98 -10.57 -9.58
CA ARG A 136 2.32 -10.09 -8.37
C ARG A 136 1.98 -11.26 -7.46
N SER A 137 1.94 -10.96 -6.17
CA SER A 137 1.60 -11.95 -5.16
C SER A 137 0.46 -11.42 -4.29
N ILE A 139 -1.24 -11.61 -1.04
CA ILE A 139 -0.81 -12.06 0.27
C ILE A 139 -1.92 -11.82 1.26
N PHE A 140 -2.38 -12.93 1.86
CA PHE A 140 -3.48 -12.87 2.82
C PHE A 140 -2.93 -13.01 4.22
N VAL A 141 -3.19 -12.00 5.03
CA VAL A 141 -2.64 -11.93 6.38
C VAL A 141 -3.75 -12.28 7.37
N THR A 142 -3.54 -13.33 8.13
CA THR A 142 -4.52 -13.79 9.11
C THR A 142 -4.30 -13.07 10.44
N GLU A 143 -5.23 -13.22 11.38
CA GLU A 143 -5.23 -12.44 12.62
C GLU A 143 -4.00 -12.67 13.48
N ASP A 144 -3.42 -13.87 13.36
CA ASP A 144 -2.18 -14.23 14.05
C ASP A 144 -0.93 -13.60 13.41
N GLY A 145 -1.10 -12.87 12.29
CA GLY A 145 0.03 -12.21 11.64
C GLY A 145 0.72 -13.06 10.59
N GLU A 146 0.28 -14.32 10.46
CA GLU A 146 0.83 -15.22 9.45
C GLU A 146 0.44 -14.75 8.06
N ARG A 147 1.27 -15.05 7.08
CA ARG A 147 1.02 -14.59 5.70
CA ARG A 147 1.05 -14.58 5.71
C ARG A 147 1.02 -15.77 4.73
N SER A 148 0.03 -15.76 3.85
CA SER A 148 -0.14 -16.83 2.91
C SER A 148 -0.16 -16.24 1.50
N ASN A 150 0.21 -15.94 -2.72
CA ASN A 150 -0.31 -16.58 -3.92
C ASN A 150 0.24 -15.83 -5.12
N THR A 151 1.20 -16.46 -5.78
CA THR A 151 2.12 -15.74 -6.67
C THR A 151 1.97 -16.16 -8.11
N TYR A 152 1.66 -15.18 -8.96
CA TYR A 152 1.68 -15.35 -10.41
C TYR A 152 3.01 -14.78 -10.88
N LEU A 153 3.85 -15.64 -11.46
CA LEU A 153 5.20 -15.27 -11.78
C LEU A 153 5.36 -14.30 -12.94
N GLY A 154 4.41 -14.29 -13.88
CA GLY A 154 4.46 -13.32 -14.98
C GLY A 154 5.85 -13.18 -15.59
N ALA A 155 6.33 -11.94 -15.70
CA ALA A 155 7.62 -11.65 -16.31
C ALA A 155 8.84 -12.29 -15.64
N CYS A 156 8.68 -12.78 -14.41
CA CYS A 156 9.79 -13.49 -13.75
C CYS A 156 10.28 -14.71 -14.53
N VAL A 157 9.44 -15.29 -15.39
CA VAL A 157 9.84 -16.47 -16.15
C VAL A 157 10.90 -16.15 -17.21
N GLU A 158 11.11 -14.85 -17.45
CA GLU A 158 12.04 -14.43 -18.48
C GLU A 158 13.43 -14.05 -17.97
N LEU A 159 13.63 -14.07 -16.64
CA LEU A 159 14.96 -13.85 -16.07
C LEU A 159 15.91 -14.97 -16.52
N GLY A 160 17.06 -14.59 -17.05
CA GLY A 160 18.02 -15.58 -17.55
C GLY A 160 19.44 -15.06 -17.54
N PRO A 161 20.39 -15.84 -18.11
CA PRO A 161 21.79 -15.47 -18.15
C PRO A 161 22.04 -14.06 -18.72
N GLU A 162 21.21 -13.62 -19.67
CA GLU A 162 21.36 -12.31 -20.32
C GLU A 162 21.21 -11.11 -19.35
N ASP A 163 20.71 -11.39 -18.14
CA ASP A 163 20.39 -10.37 -17.15
C ASP A 163 21.47 -10.32 -16.09
N VAL A 164 22.51 -11.14 -16.24
CA VAL A 164 23.66 -11.08 -15.34
C VAL A 164 24.56 -9.92 -15.77
N GLU A 165 24.66 -8.92 -14.91
CA GLU A 165 25.61 -7.84 -15.09
C GLU A 165 26.89 -8.29 -14.42
N ALA A 166 27.81 -8.81 -15.24
CA ALA A 166 28.98 -9.54 -14.74
C ALA A 166 29.86 -8.66 -13.88
N ASP A 167 29.95 -7.39 -14.27
CA ASP A 167 30.72 -6.38 -13.53
C ASP A 167 30.20 -6.15 -12.10
N VAL A 168 28.87 -6.22 -11.93
CA VAL A 168 28.25 -6.11 -10.61
C VAL A 168 28.60 -7.33 -9.74
N VAL A 169 28.40 -8.55 -10.28
CA VAL A 169 28.72 -9.81 -9.57
C VAL A 169 30.22 -9.80 -9.19
N ALA A 170 31.07 -9.41 -10.16
CA ALA A 170 32.53 -9.27 -10.00
C ALA A 170 32.87 -8.31 -8.82
N ASP A 171 32.02 -7.30 -8.62
CA ASP A 171 32.28 -6.21 -7.65
C ASP A 171 31.39 -6.20 -6.39
N ALA A 172 30.76 -7.34 -6.07
CA ALA A 172 29.90 -7.45 -4.88
C ALA A 172 30.49 -8.45 -3.86
N LYS A 173 30.68 -7.99 -2.61
CA LYS A 173 31.23 -8.84 -1.57
C LYS A 173 30.46 -10.15 -1.44
N VAL A 174 29.13 -10.06 -1.36
CA VAL A 174 28.26 -11.24 -1.36
C VAL A 174 27.20 -11.14 -2.45
N THR A 175 26.96 -12.24 -3.17
CA THR A 175 25.80 -12.39 -4.08
C THR A 175 24.86 -13.43 -3.45
N TYR A 176 23.61 -13.00 -3.23
CA TYR A 176 22.63 -13.74 -2.48
C TYR A 176 21.43 -13.96 -3.37
N PHE A 177 20.90 -15.18 -3.38
CA PHE A 177 19.75 -15.48 -4.24
C PHE A 177 18.70 -16.34 -3.55
N GLU A 178 17.51 -16.35 -4.13
CA GLU A 178 16.39 -17.14 -3.62
C GLU A 178 16.32 -18.56 -4.14
N GLY A 179 16.04 -19.51 -3.25
CA GLY A 179 15.60 -20.85 -3.66
C GLY A 179 14.41 -20.76 -4.61
N TYR A 180 13.57 -19.72 -4.44
CA TYR A 180 12.38 -19.47 -5.29
C TYR A 180 12.74 -19.38 -6.79
N LEU A 181 14.00 -19.06 -7.09
CA LEU A 181 14.43 -18.97 -8.49
C LEU A 181 14.41 -20.30 -9.22
N TRP A 182 14.25 -21.41 -8.49
CA TRP A 182 14.25 -22.70 -9.15
C TRP A 182 12.90 -23.01 -9.84
N ASP A 183 11.86 -22.25 -9.50
CA ASP A 183 10.54 -22.40 -10.17
C ASP A 183 10.53 -21.91 -11.64
N PRO A 184 10.91 -20.64 -11.91
CA PRO A 184 11.00 -20.20 -13.32
C PRO A 184 12.05 -20.99 -14.09
N PRO A 185 11.96 -21.04 -15.43
CA PRO A 185 12.78 -22.02 -16.14
C PRO A 185 14.29 -21.76 -16.24
N ARG A 186 14.68 -20.51 -16.44
CA ARG A 186 16.06 -20.21 -16.84
CA ARG A 186 16.06 -20.21 -16.84
C ARG A 186 16.86 -19.45 -15.80
N ALA A 187 16.20 -19.07 -14.70
CA ALA A 187 16.86 -18.28 -13.67
C ALA A 187 18.09 -18.99 -13.08
N LYS A 188 17.99 -20.31 -12.90
CA LYS A 188 19.11 -21.14 -12.38
C LYS A 188 20.38 -21.01 -13.21
N GLU A 189 20.23 -20.86 -14.53
CA GLU A 189 21.39 -20.65 -15.40
C GLU A 189 22.08 -19.32 -15.05
N ALA A 190 21.30 -18.30 -14.73
CA ALA A 190 21.89 -17.03 -14.30
C ALA A 190 22.64 -17.17 -12.99
N ILE A 191 22.06 -17.94 -12.07
CA ILE A 191 22.69 -18.16 -10.75
C ILE A 191 24.02 -18.91 -10.86
N LEU A 192 24.05 -19.96 -11.67
CA LEU A 192 25.32 -20.65 -11.97
C LEU A 192 26.38 -19.69 -12.56
N ASP A 193 25.97 -18.81 -13.46
CA ASP A 193 26.89 -17.78 -13.95
C ASP A 193 27.40 -16.87 -12.80
N CYS A 194 26.50 -16.40 -11.95
CA CYS A 194 26.88 -15.61 -10.77
C CYS A 194 27.86 -16.32 -9.83
N ALA A 195 27.60 -17.59 -9.54
CA ALA A 195 28.47 -18.42 -8.70
C ALA A 195 29.88 -18.44 -9.28
N ARG A 196 29.97 -18.66 -10.60
CA ARG A 196 31.27 -18.73 -11.26
C ARG A 196 32.03 -17.40 -11.16
N ILE A 197 31.33 -16.32 -11.47
CA ILE A 197 31.95 -15.00 -11.53
C ILE A 197 32.36 -14.55 -10.13
N ALA A 198 31.43 -14.72 -9.18
CA ALA A 198 31.64 -14.44 -7.77
C ALA A 198 32.88 -15.14 -7.27
N HIS A 199 32.96 -16.43 -7.53
CA HIS A 199 34.05 -17.22 -6.99
C HIS A 199 35.39 -16.94 -7.69
N GLN A 200 35.36 -16.61 -8.99
CA GLN A 200 36.58 -16.23 -9.70
CA GLN A 200 36.56 -16.21 -9.74
C GLN A 200 37.16 -14.93 -9.17
N HIS A 201 36.31 -14.08 -8.60
CA HIS A 201 36.73 -12.80 -8.03
C HIS A 201 36.88 -12.80 -6.52
N GLY A 202 36.90 -14.00 -5.93
CA GLY A 202 37.09 -14.16 -4.50
C GLY A 202 35.96 -13.65 -3.62
N ARG A 203 34.76 -13.59 -4.16
CA ARG A 203 33.59 -13.21 -3.43
C ARG A 203 32.85 -14.47 -2.88
N GLU A 204 31.83 -14.20 -2.10
CA GLU A 204 31.02 -15.26 -1.51
C GLU A 204 29.60 -15.30 -2.01
N SER A 206 25.59 -16.77 -1.53
CA SER A 206 24.64 -17.08 -0.48
C SER A 206 23.26 -17.36 -1.06
N THR A 208 18.91 -18.32 0.20
CA THR A 208 17.86 -18.67 1.15
C THR A 208 17.10 -19.86 0.59
N LEU A 209 16.74 -20.77 1.48
CA LEU A 209 15.89 -21.89 1.13
C LEU A 209 14.45 -21.49 0.80
N SER A 210 14.06 -20.26 1.17
CA SER A 210 12.85 -19.58 0.68
C SER A 210 11.51 -20.05 1.26
N ASP A 211 11.22 -21.35 1.15
CA ASP A 211 9.92 -21.87 1.55
C ASP A 211 10.00 -23.39 1.66
N SER A 212 9.30 -23.96 2.64
CA SER A 212 9.42 -25.41 2.88
C SER A 212 8.99 -26.27 1.71
N PHE A 213 7.94 -25.84 1.01
CA PHE A 213 7.51 -26.52 -0.21
C PHE A 213 8.46 -26.35 -1.38
N CYS A 214 9.07 -25.17 -1.48
CA CYS A 214 10.13 -24.95 -2.46
C CYS A 214 11.29 -25.94 -2.21
N VAL A 215 11.67 -26.12 -0.94
CA VAL A 215 12.64 -27.13 -0.59
C VAL A 215 12.16 -28.54 -0.95
N ASP A 216 10.91 -28.91 -0.60
CA ASP A 216 10.33 -30.16 -1.13
C ASP A 216 10.57 -30.32 -2.65
N ARG A 217 10.34 -29.26 -3.45
CA ARG A 217 10.52 -29.35 -4.91
C ARG A 217 11.98 -29.52 -5.40
N TYR A 218 12.95 -28.93 -4.68
CA TYR A 218 14.32 -28.79 -5.20
C TYR A 218 15.41 -29.25 -4.21
N ARG A 219 15.00 -30.12 -3.29
CA ARG A 219 15.85 -30.62 -2.21
CA ARG A 219 15.86 -30.64 -2.20
C ARG A 219 17.24 -31.06 -2.70
N GLY A 220 17.26 -31.96 -3.69
CA GLY A 220 18.50 -32.49 -4.20
C GLY A 220 19.37 -31.40 -4.83
N GLU A 221 18.75 -30.53 -5.63
CA GLU A 221 19.45 -29.45 -6.28
C GLU A 221 20.05 -28.46 -5.27
N PHE A 222 19.29 -28.14 -4.22
CA PHE A 222 19.80 -27.24 -3.19
C PHE A 222 21.00 -27.84 -2.44
N LEU A 223 20.90 -29.10 -2.06
CA LEU A 223 22.01 -29.79 -1.40
C LEU A 223 23.23 -29.81 -2.31
N ASP A 224 23.00 -29.98 -3.62
CA ASP A 224 24.10 -30.01 -4.57
C ASP A 224 24.79 -28.66 -4.65
N LEU A 225 24.01 -27.58 -4.59
CA LEU A 225 24.58 -26.23 -4.58
C LEU A 225 25.52 -26.04 -3.39
N ARG A 227 26.99 -28.53 -1.41
CA ARG A 227 28.06 -29.50 -1.32
C ARG A 227 29.13 -29.33 -2.38
N SER A 228 28.74 -28.82 -3.55
CA SER A 228 29.70 -28.50 -4.59
C SER A 228 30.39 -27.17 -4.34
N GLY A 229 29.94 -26.45 -3.30
CA GLY A 229 30.53 -25.17 -2.95
C GLY A 229 30.04 -23.97 -3.76
N LYS A 230 28.93 -24.11 -4.48
CA LYS A 230 28.41 -23.01 -5.30
C LYS A 230 27.81 -21.97 -4.35
N VAL A 231 27.29 -22.45 -3.23
CA VAL A 231 26.73 -21.61 -2.18
CA VAL A 231 26.79 -21.56 -2.20
C VAL A 231 27.58 -21.73 -0.92
N ASP A 232 28.03 -20.59 -0.38
CA ASP A 232 28.85 -20.56 0.85
C ASP A 232 28.03 -20.36 2.11
N ILE A 233 27.06 -19.44 2.05
CA ILE A 233 26.25 -19.08 3.21
C ILE A 233 24.79 -19.38 2.96
N VAL A 234 24.14 -20.16 3.83
CA VAL A 234 22.76 -20.58 3.64
CA VAL A 234 22.76 -20.55 3.62
C VAL A 234 21.85 -20.05 4.73
N PHE A 235 20.71 -19.47 4.33
CA PHE A 235 19.65 -19.06 5.27
C PHE A 235 18.49 -20.04 5.20
N ALA A 236 17.97 -20.41 6.35
CA ALA A 236 16.81 -21.27 6.44
C ALA A 236 15.99 -20.87 7.67
N ASN A 237 14.67 -21.00 7.59
CA ASN A 237 13.86 -21.05 8.82
C ASN A 237 13.74 -22.50 9.32
N ARG A 238 13.05 -22.70 10.43
CA ARG A 238 12.95 -24.01 11.05
C ARG A 238 12.37 -25.03 10.05
N GLN A 239 11.25 -24.68 9.43
CA GLN A 239 10.58 -25.67 8.58
C GLN A 239 11.39 -25.98 7.33
N GLU A 240 12.09 -24.98 6.82
CA GLU A 240 12.95 -25.22 5.67
C GLU A 240 14.09 -26.17 5.99
N ALA A 241 14.67 -26.02 7.18
CA ALA A 241 15.78 -26.87 7.60
C ALA A 241 15.33 -28.31 7.80
N LEU A 242 14.16 -28.46 8.42
CA LEU A 242 13.56 -29.76 8.61
C LEU A 242 13.27 -30.42 7.26
N SER A 243 12.72 -29.63 6.33
N SER A 243 12.71 -29.64 6.33
CA SER A 243 12.35 -30.15 5.02
CA SER A 243 12.35 -30.15 5.02
C SER A 243 13.58 -30.56 4.22
C SER A 243 13.58 -30.55 4.21
N LEU A 244 14.66 -29.79 4.35
CA LEU A 244 15.86 -30.09 3.59
C LEU A 244 16.36 -31.52 3.85
N TYR A 245 16.26 -31.98 5.09
CA TYR A 245 16.69 -33.34 5.46
C TYR A 245 15.54 -34.29 5.75
N GLN A 246 14.31 -33.84 5.48
CA GLN A 246 13.11 -34.65 5.64
C GLN A 246 13.04 -35.29 7.03
N THR A 247 13.28 -34.45 8.03
CA THR A 247 13.35 -34.92 9.40
C THR A 247 12.40 -34.12 10.30
N ASP A 248 12.02 -34.70 11.42
CA ASP A 248 11.29 -33.98 12.46
C ASP A 248 12.24 -33.59 13.59
N ASP A 249 13.51 -34.00 13.45
CA ASP A 249 14.55 -33.77 14.46
C ASP A 249 15.36 -32.52 14.15
N PHE A 250 15.06 -31.44 14.86
CA PHE A 250 15.70 -30.14 14.59
C PHE A 250 17.21 -30.15 14.85
N GLU A 251 17.63 -30.92 15.86
CA GLU A 251 19.04 -31.04 16.15
C GLU A 251 19.79 -31.71 15.00
N GLU A 252 19.19 -32.75 14.41
CA GLU A 252 19.75 -33.41 13.24
C GLU A 252 19.88 -32.41 12.09
N ALA A 253 18.82 -31.63 11.85
CA ALA A 253 18.83 -30.63 10.79
C ALA A 253 19.98 -29.63 10.97
N LEU A 254 20.19 -29.17 12.22
CA LEU A 254 21.30 -28.25 12.49
C LEU A 254 22.68 -28.89 12.27
N ASN A 255 22.85 -30.13 12.72
CA ASN A 255 24.10 -30.84 12.47
C ASN A 255 24.37 -31.03 10.97
N ARG A 256 23.33 -31.41 10.23
CA ARG A 256 23.49 -31.71 8.81
C ARG A 256 23.74 -30.44 7.99
N ILE A 257 23.03 -29.37 8.30
CA ILE A 257 23.19 -28.14 7.55
C ILE A 257 24.60 -27.54 7.77
N ALA A 258 25.11 -27.66 9.01
CA ALA A 258 26.47 -27.24 9.30
C ALA A 258 27.53 -28.05 8.51
N ALA A 259 27.24 -29.34 8.28
CA ALA A 259 28.13 -30.20 7.46
C ALA A 259 28.09 -29.86 5.97
N ASP A 260 26.96 -29.32 5.50
CA ASP A 260 26.74 -29.13 4.07
C ASP A 260 27.12 -27.76 3.50
N CYS A 261 27.29 -26.77 4.36
CA CYS A 261 27.67 -25.45 3.89
CA CYS A 261 27.57 -25.39 3.96
C CYS A 261 28.67 -24.82 4.85
N LYS A 262 29.36 -23.76 4.41
CA LYS A 262 30.39 -23.16 5.26
C LYS A 262 29.77 -22.38 6.44
N ILE A 263 28.76 -21.58 6.15
CA ILE A 263 28.04 -20.87 7.23
C ILE A 263 26.54 -21.06 7.03
N ALA A 264 25.82 -21.39 8.10
CA ALA A 264 24.34 -21.49 8.05
C ALA A 264 23.72 -20.57 9.07
N ALA A 265 22.69 -19.84 8.66
CA ALA A 265 21.93 -18.99 9.56
C ALA A 265 20.52 -19.56 9.59
N VAL A 266 20.11 -20.13 10.73
CA VAL A 266 18.80 -20.78 10.84
C VAL A 266 17.90 -19.96 11.77
N THR A 267 16.82 -19.44 11.23
CA THR A 267 15.87 -18.65 12.01
C THR A 267 14.82 -19.48 12.69
N SER A 269 11.85 -17.94 14.33
CA SER A 269 10.70 -17.13 14.64
C SER A 269 10.89 -16.43 16.00
N GLU A 270 9.90 -16.50 16.86
CA GLU A 270 9.97 -15.83 18.17
C GLU A 270 11.14 -16.30 19.04
N ASN A 271 11.75 -17.42 18.67
CA ASN A 271 12.89 -17.98 19.38
C ASN A 271 14.25 -17.51 18.83
N GLY A 272 14.21 -16.51 17.96
CA GLY A 272 15.43 -15.90 17.44
C GLY A 272 16.07 -16.67 16.30
N ALA A 273 17.36 -16.97 16.45
CA ALA A 273 18.13 -17.61 15.36
C ALA A 273 19.35 -18.34 15.92
N VAL A 274 19.94 -19.21 15.13
CA VAL A 274 21.21 -19.83 15.46
C VAL A 274 22.12 -19.77 14.24
N ILE A 275 23.36 -19.34 14.48
CA ILE A 275 24.36 -19.24 13.41
C ILE A 275 25.37 -20.38 13.59
N LEU A 276 25.64 -21.08 12.50
CA LEU A 276 26.49 -22.24 12.55
C LEU A 276 27.66 -22.06 11.60
N LYS A 277 28.86 -22.40 12.08
CA LYS A 277 30.04 -22.41 11.24
C LYS A 277 30.95 -23.53 11.73
N GLY A 278 31.05 -24.60 10.95
CA GLY A 278 31.78 -25.78 11.39
C GLY A 278 31.13 -26.32 12.65
N ARG A 279 31.89 -26.32 13.75
CA ARG A 279 31.35 -26.72 15.05
C ARG A 279 30.93 -25.55 15.93
N GLU A 280 31.18 -24.33 15.46
CA GLU A 280 30.74 -23.11 16.13
C GLU A 280 29.22 -22.96 16.05
N ARG A 281 28.61 -22.57 17.17
CA ARG A 281 27.18 -22.25 17.21
C ARG A 281 26.98 -20.97 18.00
N TYR A 282 26.28 -20.02 17.39
CA TYR A 282 25.94 -18.75 18.06
C TYR A 282 24.45 -18.53 18.08
N TYR A 283 23.86 -18.60 19.28
CA TYR A 283 22.42 -18.37 19.44
C TYR A 283 22.12 -16.89 19.70
N VAL A 284 21.10 -16.38 19.00
CA VAL A 284 20.67 -14.99 19.12
CA VAL A 284 20.67 -14.99 19.17
C VAL A 284 19.18 -14.90 19.47
N ASN A 285 18.82 -14.04 20.42
CA ASN A 285 17.41 -13.86 20.82
C ASN A 285 16.64 -12.95 19.88
N ALA A 286 15.34 -13.21 19.76
CA ALA A 286 14.42 -12.29 19.11
C ALA A 286 14.27 -11.03 19.97
N ILE A 287 14.04 -9.88 19.33
CA ILE A 287 13.79 -8.65 20.06
C ILE A 287 12.35 -8.69 20.61
N ARG A 288 12.06 -7.81 21.56
CA ARG A 288 10.69 -7.63 22.05
C ARG A 288 9.91 -6.82 21.02
N ILE A 289 8.68 -7.27 20.75
CA ILE A 289 7.80 -6.63 19.77
C ILE A 289 6.46 -6.23 20.39
N ARG A 290 5.81 -5.23 19.80
CA ARG A 290 4.48 -4.80 20.21
C ARG A 290 3.43 -5.88 19.94
N GLU A 291 3.44 -6.38 18.69
CA GLU A 291 2.55 -7.43 18.27
C GLU A 291 2.99 -7.89 16.90
N VAL A 292 2.65 -9.10 16.48
CA VAL A 292 2.92 -9.52 15.10
C VAL A 292 1.79 -9.01 14.21
N VAL A 293 2.04 -7.89 13.53
CA VAL A 293 1.10 -7.27 12.62
C VAL A 293 1.02 -8.06 11.32
N ASP A 294 2.16 -8.32 10.73
CA ASP A 294 2.28 -9.03 9.46
C ASP A 294 3.68 -9.61 9.32
N THR A 295 3.83 -10.91 9.39
CA THR A 295 5.16 -11.53 9.34
CA THR A 295 5.15 -11.58 9.32
C THR A 295 5.87 -11.47 7.97
N THR A 296 5.17 -10.96 6.94
CA THR A 296 5.75 -10.86 5.59
C THR A 296 7.03 -10.06 5.65
N GLY A 297 8.10 -10.67 5.14
CA GLY A 297 9.42 -10.06 5.10
C GLY A 297 10.37 -10.44 6.21
N ALA A 298 9.90 -11.17 7.22
CA ALA A 298 10.75 -11.49 8.39
C ALA A 298 12.10 -12.09 8.00
N GLY A 299 12.07 -13.23 7.30
CA GLY A 299 13.28 -13.90 6.91
C GLY A 299 14.12 -13.04 5.98
N ASP A 300 13.46 -12.29 5.10
CA ASP A 300 14.15 -11.45 4.11
C ASP A 300 14.98 -10.40 4.81
N LEU A 301 14.38 -9.78 5.84
CA LEU A 301 15.07 -8.74 6.62
C LEU A 301 16.08 -9.31 7.62
N PHE A 302 15.82 -10.51 8.14
CA PHE A 302 16.89 -11.19 8.85
C PHE A 302 18.14 -11.27 7.96
N ALA A 303 17.95 -11.68 6.70
CA ALA A 303 19.07 -11.79 5.83
C ALA A 303 19.71 -10.43 5.59
N SER A 304 18.91 -9.38 5.44
CA SER A 304 19.47 -7.99 5.32
C SER A 304 20.42 -7.63 6.45
N GLY A 305 19.95 -7.81 7.69
CA GLY A 305 20.75 -7.44 8.83
C GLY A 305 21.98 -8.34 8.93
N PHE A 306 21.79 -9.66 8.71
CA PHE A 306 22.92 -10.57 8.77
C PHE A 306 23.99 -10.22 7.74
N LEU A 307 23.56 -9.99 6.50
CA LEU A 307 24.50 -9.75 5.42
C LEU A 307 25.15 -8.37 5.53
N TYR A 308 24.38 -7.39 5.99
CA TYR A 308 24.96 -6.09 6.34
C TYR A 308 26.09 -6.25 7.38
N GLY A 309 25.78 -6.85 8.52
CA GLY A 309 26.84 -7.08 9.50
C GLY A 309 28.01 -7.85 8.91
N TYR A 310 27.73 -8.84 8.06
CA TYR A 310 28.80 -9.73 7.57
C TYR A 310 29.75 -8.98 6.68
N THR A 311 29.19 -8.14 5.81
CA THR A 311 30.03 -7.39 4.89
C THR A 311 30.66 -6.15 5.51
N GLN A 312 30.34 -5.89 6.77
CA GLN A 312 31.01 -4.88 7.59
C GLN A 312 32.07 -5.49 8.51
N GLY A 313 32.33 -6.79 8.36
CA GLY A 313 33.34 -7.48 9.16
C GLY A 313 32.94 -7.82 10.60
N ARG A 314 31.65 -7.77 10.91
CA ARG A 314 31.17 -8.01 12.28
C ARG A 314 31.20 -9.50 12.61
N SER A 315 31.27 -9.81 13.91
CA SER A 315 31.19 -11.19 14.37
C SER A 315 29.88 -11.84 13.93
N LEU A 316 29.87 -13.18 13.87
CA LEU A 316 28.68 -13.91 13.46
C LEU A 316 27.53 -13.67 14.42
N GLU A 317 27.84 -13.57 15.71
CA GLU A 317 26.79 -13.29 16.69
C GLU A 317 26.18 -11.92 16.41
N ASP A 318 27.03 -10.92 16.20
CA ASP A 318 26.54 -9.57 15.86
C ASP A 318 25.80 -9.52 14.53
N CYS A 319 26.19 -10.37 13.57
CA CYS A 319 25.40 -10.49 12.33
C CYS A 319 24.00 -11.02 12.62
N GLY A 320 23.91 -12.03 13.48
CA GLY A 320 22.62 -12.54 13.92
C GLY A 320 21.79 -11.52 14.68
N LYS A 321 22.44 -10.71 15.51
CA LYS A 321 21.75 -9.66 16.24
C LYS A 321 21.14 -8.61 15.29
N LEU A 322 21.91 -8.17 14.30
CA LEU A 322 21.43 -7.22 13.30
C LEU A 322 20.27 -7.81 12.51
N GLY A 323 20.37 -9.08 12.14
CA GLY A 323 19.27 -9.78 11.48
C GLY A 323 18.00 -9.80 12.32
N CYS A 324 18.13 -10.12 13.60
CA CYS A 324 16.96 -10.15 14.49
C CYS A 324 16.34 -8.76 14.67
N LEU A 325 17.18 -7.75 14.72
CA LEU A 325 16.66 -6.39 14.82
C LEU A 325 15.81 -6.01 13.59
N ALA A 326 16.36 -6.22 12.39
CA ALA A 326 15.67 -5.84 11.16
C ALA A 326 14.39 -6.66 10.98
N ALA A 327 14.48 -7.97 11.25
CA ALA A 327 13.32 -8.84 11.11
C ALA A 327 12.21 -8.47 12.10
N GLY A 328 12.57 -8.23 13.36
CA GLY A 328 11.57 -7.82 14.34
C GLY A 328 10.87 -6.50 14.05
N ILE A 329 11.57 -5.59 13.37
CA ILE A 329 10.95 -4.35 12.94
C ILE A 329 9.95 -4.60 11.80
N VAL A 330 10.35 -5.40 10.81
CA VAL A 330 9.45 -5.58 9.65
C VAL A 330 8.13 -6.30 9.96
N ILE A 331 8.10 -7.13 11.01
CA ILE A 331 6.88 -7.86 11.35
C ILE A 331 5.87 -7.02 12.11
N GLN A 332 6.27 -5.80 12.48
CA GLN A 332 5.40 -4.88 13.22
C GLN A 332 4.71 -3.86 12.32
N GLN A 333 4.75 -4.09 11.01
CA GLN A 333 4.15 -3.16 10.04
C GLN A 333 3.55 -3.97 8.89
N ILE A 334 2.53 -3.42 8.25
CA ILE A 334 2.03 -3.94 6.96
C ILE A 334 3.04 -3.55 5.88
N GLY A 335 3.42 -4.52 5.04
CA GLY A 335 4.41 -4.28 3.99
C GLY A 335 5.73 -4.95 4.33
N PRO A 336 6.46 -5.42 3.30
CA PRO A 336 7.59 -6.29 3.52
C PRO A 336 8.93 -5.57 3.61
N ARG A 337 8.91 -4.24 3.46
CA ARG A 337 10.13 -3.47 3.50
C ARG A 337 9.97 -2.38 4.54
N PRO A 338 10.81 -2.40 5.59
CA PRO A 338 10.68 -1.39 6.64
C PRO A 338 10.57 0.02 6.07
N THR A 340 10.71 2.61 8.13
CA THR A 340 11.50 3.38 9.10
C THR A 340 12.98 3.11 8.89
N SER A 341 13.83 3.95 9.47
CA SER A 341 15.27 3.81 9.30
C SER A 341 15.85 2.68 10.14
N LEU A 342 16.39 1.68 9.47
CA LEU A 342 17.01 0.56 10.15
C LEU A 342 18.36 0.94 10.74
N SER A 343 19.08 1.83 10.05
CA SER A 343 20.35 2.34 10.60
C SER A 343 20.15 3.08 11.93
N GLU A 344 19.09 3.90 12.02
CA GLU A 344 18.78 4.59 13.27
C GLU A 344 18.41 3.58 14.35
N ALA A 345 17.65 2.53 13.97
CA ALA A 345 17.27 1.51 14.94
C ALA A 345 18.48 0.74 15.44
N ALA A 346 19.40 0.42 14.52
CA ALA A 346 20.66 -0.25 14.87
C ALA A 346 21.50 0.59 15.82
N LYS A 347 21.55 1.89 15.57
CA LYS A 347 22.29 2.82 16.43
C LYS A 347 21.71 2.84 17.84
N GLN A 348 20.39 2.94 17.94
CA GLN A 348 19.69 3.01 19.22
C GLN A 348 19.84 1.72 20.03
N ALA A 349 19.86 0.59 19.32
CA ALA A 349 20.01 -0.72 19.94
C ALA A 349 21.48 -1.01 20.30
N GLY A 350 22.36 -0.05 20.00
CA GLY A 350 23.78 -0.19 20.26
C GLY A 350 24.49 -1.22 19.41
N LEU A 351 23.91 -1.53 18.24
CA LEU A 351 24.56 -2.42 17.28
C LEU A 351 25.33 -1.54 16.30
N ILE A 352 24.81 -0.33 16.12
CA ILE A 352 25.45 0.77 15.38
C ILE A 352 25.75 0.39 13.92
N THR B 24 -35.26 1.88 -1.39
CA THR B 24 -34.31 2.47 -2.31
C THR B 24 -33.14 1.54 -2.54
N ARG B 25 -32.64 1.53 -3.76
CA ARG B 25 -31.52 0.68 -4.12
C ARG B 25 -30.26 1.14 -3.46
N PHE B 26 -30.11 2.46 -3.35
CA PHE B 26 -28.91 3.07 -2.78
C PHE B 26 -29.20 4.10 -1.69
N ASP B 27 -28.40 4.03 -0.63
CA ASP B 27 -28.32 5.11 0.37
C ASP B 27 -27.51 6.31 -0.11
N VAL B 28 -26.31 6.06 -0.62
CA VAL B 28 -25.46 7.14 -1.06
C VAL B 28 -24.77 6.77 -2.36
N LEU B 29 -24.96 7.62 -3.37
CA LEU B 29 -24.14 7.60 -4.57
C LEU B 29 -23.09 8.70 -4.42
N THR B 30 -21.83 8.36 -4.65
CA THR B 30 -20.85 9.45 -4.71
C THR B 30 -20.21 9.58 -6.10
N VAL B 31 -19.71 10.77 -6.42
CA VAL B 31 -19.15 11.04 -7.75
C VAL B 31 -17.89 11.84 -7.52
N GLY B 32 -16.81 11.41 -8.16
CA GLY B 32 -15.54 12.10 -8.01
C GLY B 32 -14.45 11.67 -8.96
N ASN B 33 -13.26 12.24 -8.76
CA ASN B 33 -12.07 11.85 -9.49
C ASN B 33 -11.52 10.52 -8.98
N ALA B 34 -11.52 9.51 -9.86
CA ALA B 34 -11.04 8.18 -9.51
C ALA B 34 -9.51 8.17 -9.51
N ILE B 35 -8.90 7.98 -8.33
CA ILE B 35 -7.46 8.17 -8.18
C ILE B 35 -6.87 7.01 -7.38
N VAL B 36 -5.67 6.59 -7.78
CA VAL B 36 -4.83 5.68 -6.95
C VAL B 36 -3.77 6.54 -6.22
N ASP B 37 -3.67 6.39 -4.91
CA ASP B 37 -2.67 7.10 -4.12
C ASP B 37 -1.33 6.38 -4.07
N ILE B 38 -0.26 7.18 -4.13
CA ILE B 38 1.11 6.75 -4.03
C ILE B 38 1.63 7.51 -2.82
N ILE B 39 1.91 6.79 -1.73
CA ILE B 39 2.07 7.43 -0.42
C ILE B 39 3.49 7.23 0.11
N SER B 40 4.10 8.33 0.57
CA SER B 40 5.42 8.24 1.18
C SER B 40 5.53 9.28 2.30
N ARG B 41 6.29 8.96 3.33
CA ARG B 41 6.60 9.96 4.36
C ARG B 41 7.76 10.83 3.89
N CYS B 42 7.75 12.12 4.24
CA CYS B 42 8.86 12.98 3.89
C CYS B 42 9.19 13.89 5.05
N ASN B 43 10.40 14.45 5.02
CA ASN B 43 10.77 15.48 5.98
C ASN B 43 10.18 16.84 5.56
N ASP B 44 10.20 17.78 6.49
CA ASP B 44 9.59 19.08 6.26
C ASP B 44 10.24 19.82 5.09
N GLN B 45 11.55 19.68 4.96
CA GLN B 45 12.29 20.40 3.94
C GLN B 45 11.92 19.93 2.53
N PHE B 46 11.51 18.67 2.39
CA PHE B 46 11.14 18.17 1.07
C PHE B 46 10.04 19.00 0.40
N LEU B 47 9.04 19.42 1.17
CA LEU B 47 7.94 20.21 0.62
C LEU B 47 8.43 21.56 0.15
N ILE B 48 9.28 22.17 0.96
CA ILE B 48 9.88 23.47 0.62
C ILE B 48 10.74 23.36 -0.65
N ASP B 49 11.60 22.35 -0.71
CA ASP B 49 12.51 22.18 -1.85
C ASP B 49 11.80 21.93 -3.18
N ASN B 50 10.63 21.31 -3.10
CA ASN B 50 9.88 20.93 -4.29
C ASN B 50 8.67 21.81 -4.54
N GLN B 51 8.56 22.88 -3.75
CA GLN B 51 7.49 23.86 -3.89
C GLN B 51 6.10 23.21 -3.93
N ILE B 52 5.92 22.28 -2.99
CA ILE B 52 4.63 21.63 -2.73
C ILE B 52 3.90 22.37 -1.63
N THR B 53 2.68 22.84 -1.92
CA THR B 53 1.87 23.50 -0.91
C THR B 53 1.41 22.49 0.15
N LYS B 54 1.84 22.74 1.39
CA LYS B 54 1.57 21.81 2.48
C LYS B 54 0.06 21.72 2.75
N ALA B 55 -0.42 20.51 2.99
CA ALA B 55 -1.83 20.24 3.38
C ALA B 55 -2.87 20.48 2.29
N ALA B 56 -2.40 20.69 1.07
CA ALA B 56 -3.29 21.02 -0.04
C ALA B 56 -3.24 19.98 -1.14
N ASN B 58 -2.42 19.70 -4.80
CA ASN B 58 -1.62 20.37 -5.83
C ASN B 58 -1.81 19.67 -7.17
N LEU B 59 -2.50 20.28 -8.12
CA LEU B 59 -2.60 19.69 -9.47
C LEU B 59 -1.28 19.76 -10.18
N ILE B 60 -0.98 18.69 -10.91
CA ILE B 60 0.28 18.57 -11.66
C ILE B 60 0.08 17.94 -13.02
N ASP B 61 0.94 18.31 -13.98
CA ASP B 61 0.92 17.64 -15.28
C ASP B 61 1.80 16.38 -15.32
N ALA B 62 1.81 15.70 -16.46
CA ALA B 62 2.49 14.43 -16.56
C ALA B 62 4.00 14.58 -16.31
N GLU B 63 4.57 15.65 -16.85
CA GLU B 63 6.01 15.92 -16.70
C GLU B 63 6.36 16.10 -15.21
N ARG B 64 5.56 16.91 -14.51
CA ARG B 64 5.81 17.16 -13.08
C ARG B 64 5.60 15.88 -12.28
N ALA B 65 4.63 15.07 -12.70
CA ALA B 65 4.40 13.78 -12.05
C ALA B 65 5.64 12.89 -12.10
N GLU B 66 6.24 12.77 -13.28
CA GLU B 66 7.47 11.99 -13.43
C GLU B 66 8.58 12.55 -12.55
N LEU B 67 8.71 13.86 -12.54
CA LEU B 67 9.74 14.54 -11.78
C LEU B 67 9.57 14.26 -10.29
N LEU B 68 8.40 14.52 -9.73
CA LEU B 68 8.21 14.30 -8.28
C LEU B 68 8.38 12.83 -7.90
N TYR B 69 7.87 11.93 -8.72
CA TYR B 69 8.07 10.51 -8.46
C TYR B 69 9.55 10.16 -8.40
N SER B 70 10.36 10.76 -9.27
CA SER B 70 11.80 10.44 -9.29
C SER B 70 12.49 10.86 -8.00
N ARG B 71 11.87 11.80 -7.27
CA ARG B 71 12.43 12.34 -6.04
C ARG B 71 11.78 11.71 -4.80
N GLY B 73 10.58 8.82 -2.14
CA GLY B 73 11.12 7.58 -1.59
C GLY B 73 10.26 6.36 -1.94
N PRO B 74 10.64 5.18 -1.42
CA PRO B 74 9.83 3.98 -1.59
C PRO B 74 8.39 4.27 -1.10
N ALA B 75 7.39 3.74 -1.82
CA ALA B 75 6.01 4.13 -1.58
C ALA B 75 5.06 2.95 -1.43
N LEU B 76 3.87 3.25 -0.91
CA LEU B 76 2.79 2.28 -0.87
C LEU B 76 1.67 2.82 -1.76
N GLU B 77 0.94 1.89 -2.40
CA GLU B 77 -0.20 2.31 -3.21
C GLU B 77 -1.49 1.85 -2.57
N ALA B 78 -2.49 2.72 -2.64
CA ALA B 78 -3.81 2.41 -2.10
C ALA B 78 -4.84 3.18 -2.91
N SER B 79 -5.97 2.55 -3.20
CA SER B 79 -7.04 3.26 -3.87
C SER B 79 -7.44 4.49 -3.09
N GLY B 80 -7.61 5.60 -3.80
CA GLY B 80 -8.01 6.86 -3.19
C GLY B 80 -9.19 7.54 -3.88
N GLY B 81 -9.09 8.85 -4.07
CA GLY B 81 -10.20 9.62 -4.60
C GLY B 81 -11.14 9.97 -3.46
N SER B 82 -11.31 11.25 -3.22
CA SER B 82 -12.13 11.71 -2.11
CA SER B 82 -12.15 11.74 -2.11
C SER B 82 -13.51 11.02 -2.03
N ALA B 83 -14.32 11.16 -3.09
CA ALA B 83 -15.65 10.55 -3.13
C ALA B 83 -15.58 9.03 -3.08
N GLY B 84 -14.56 8.45 -3.71
CA GLY B 84 -14.37 7.00 -3.69
C GLY B 84 -14.19 6.51 -2.26
N ASN B 85 -13.32 7.18 -1.52
CA ASN B 85 -13.12 6.90 -0.11
C ASN B 85 -14.44 7.03 0.65
N THR B 86 -15.20 8.09 0.38
CA THR B 86 -16.50 8.26 1.08
C THR B 86 -17.50 7.12 0.78
N ALA B 87 -17.61 6.74 -0.49
CA ALA B 87 -18.45 5.60 -0.81
C ALA B 87 -18.02 4.35 -0.07
N ALA B 88 -16.71 4.05 -0.10
CA ALA B 88 -16.13 2.88 0.58
C ALA B 88 -16.51 2.91 2.04
N GLY B 89 -16.41 4.09 2.64
CA GLY B 89 -16.73 4.27 4.05
C GLY B 89 -18.17 3.95 4.41
N VAL B 90 -19.10 4.41 3.56
CA VAL B 90 -20.52 4.12 3.71
C VAL B 90 -20.77 2.61 3.66
N ALA B 91 -20.17 1.94 2.68
CA ALA B 91 -20.32 0.49 2.52
C ALA B 91 -19.77 -0.25 3.74
N ASN B 92 -18.60 0.19 4.21
CA ASN B 92 -17.95 -0.38 5.41
C ASN B 92 -18.86 -0.26 6.63
N LEU B 93 -19.51 0.89 6.81
CA LEU B 93 -20.47 1.08 7.90
C LEU B 93 -21.77 0.27 7.79
N GLY B 94 -22.08 -0.24 6.59
CA GLY B 94 -23.27 -1.08 6.39
C GLY B 94 -24.35 -0.50 5.49
N GLY B 95 -24.08 0.67 4.92
CA GLY B 95 -24.97 1.37 3.98
C GLY B 95 -24.79 0.87 2.55
N LYS B 96 -25.71 1.24 1.70
CA LYS B 96 -25.66 0.77 0.34
C LYS B 96 -25.16 1.93 -0.50
N ALA B 97 -23.99 1.73 -1.12
CA ALA B 97 -23.28 2.79 -1.83
C ALA B 97 -23.02 2.49 -3.31
N ALA B 98 -22.95 3.56 -4.10
CA ALA B 98 -22.58 3.51 -5.50
C ALA B 98 -21.55 4.62 -5.79
N TYR B 99 -20.81 4.46 -6.88
CA TYR B 99 -19.80 5.45 -7.27
C TYR B 99 -19.73 5.65 -8.78
N PHE B 100 -19.62 6.91 -9.21
CA PHE B 100 -19.23 7.24 -10.58
C PHE B 100 -17.85 7.88 -10.57
N GLY B 101 -16.93 7.38 -11.39
CA GLY B 101 -15.60 7.98 -11.56
C GLY B 101 -14.89 7.20 -12.65
N ASN B 102 -14.03 7.87 -13.39
CA ASN B 102 -13.45 7.26 -14.59
C ASN B 102 -11.99 6.96 -14.44
N VAL B 103 -11.67 5.67 -14.61
CA VAL B 103 -10.30 5.20 -14.71
C VAL B 103 -9.97 4.82 -16.16
N ALA B 104 -8.70 4.51 -16.38
CA ALA B 104 -8.23 3.96 -17.65
C ALA B 104 -8.21 2.44 -17.62
N ALA B 105 -8.11 1.82 -18.79
CA ALA B 105 -7.97 0.37 -18.94
C ALA B 105 -6.50 0.03 -18.78
N ASP B 106 -6.02 0.13 -17.54
CA ASP B 106 -4.63 -0.14 -17.22
C ASP B 106 -4.56 -0.76 -15.83
N GLN B 107 -3.35 -1.09 -15.39
CA GLN B 107 -3.19 -1.82 -14.10
C GLN B 107 -3.66 -1.00 -12.89
N LEU B 108 -3.38 0.31 -12.91
CA LEU B 108 -3.88 1.19 -11.85
C LEU B 108 -5.41 1.24 -11.83
N GLY B 109 -6.01 1.29 -13.02
CA GLY B 109 -7.45 1.27 -13.14
C GLY B 109 -8.03 -0.03 -12.61
N ASP B 110 -7.38 -1.16 -12.90
CA ASP B 110 -7.82 -2.46 -12.39
C ASP B 110 -7.77 -2.53 -10.86
N ILE B 111 -6.73 -1.93 -10.27
CA ILE B 111 -6.63 -1.85 -8.81
C ILE B 111 -7.80 -1.02 -8.25
N PHE B 112 -8.03 0.16 -8.82
CA PHE B 112 -9.11 1.00 -8.38
C PHE B 112 -10.47 0.28 -8.47
N THR B 113 -10.70 -0.37 -9.60
CA THR B 113 -11.96 -1.06 -9.84
C THR B 113 -12.14 -2.18 -8.82
N HIS B 114 -11.06 -2.92 -8.59
CA HIS B 114 -11.12 -4.03 -7.64
C HIS B 114 -11.46 -3.53 -6.24
N ASP B 115 -10.76 -2.50 -5.79
CA ASP B 115 -10.87 -2.15 -4.36
C ASP B 115 -12.24 -1.62 -3.99
N ILE B 116 -12.82 -0.79 -4.87
CA ILE B 116 -14.10 -0.19 -4.57
C ILE B 116 -15.21 -1.24 -4.67
N ARG B 117 -15.13 -2.11 -5.67
CA ARG B 117 -16.12 -3.15 -5.84
C ARG B 117 -15.99 -4.21 -4.73
N ALA B 118 -14.76 -4.47 -4.30
CA ALA B 118 -14.54 -5.47 -3.27
C ALA B 118 -15.14 -5.05 -1.93
N GLN B 119 -15.28 -3.73 -1.74
CA GLN B 119 -15.88 -3.14 -0.55
C GLN B 119 -17.43 -3.22 -0.60
N GLY B 120 -17.98 -3.59 -1.76
CA GLY B 120 -19.41 -3.70 -1.91
C GLY B 120 -20.12 -2.46 -2.41
N VAL B 121 -19.31 -1.58 -3.03
CA VAL B 121 -19.81 -0.39 -3.69
C VAL B 121 -20.13 -0.73 -5.15
N HIS B 122 -21.32 -0.36 -5.62
CA HIS B 122 -21.70 -0.48 -7.05
C HIS B 122 -20.78 0.47 -7.84
N TYR B 123 -20.00 -0.09 -8.75
CA TYR B 123 -19.08 0.70 -9.55
C TYR B 123 -19.06 0.11 -10.97
N GLN B 124 -19.60 0.88 -11.90
CA GLN B 124 -19.86 0.39 -13.25
CA GLN B 124 -19.85 0.38 -13.25
C GLN B 124 -19.38 1.34 -14.36
N THR B 125 -18.70 2.43 -13.99
CA THR B 125 -18.21 3.40 -14.98
C THR B 125 -17.17 2.71 -15.85
N LYS B 126 -17.38 2.76 -17.17
CA LYS B 126 -16.54 2.08 -18.14
C LYS B 126 -15.31 2.89 -18.55
N PRO B 127 -14.10 2.28 -18.51
CA PRO B 127 -12.93 3.00 -19.02
C PRO B 127 -13.06 3.26 -20.53
N LYS B 128 -12.44 4.34 -20.99
CA LYS B 128 -12.62 4.77 -22.39
C LYS B 128 -11.41 4.40 -23.27
N GLY B 129 -10.34 3.94 -22.63
CA GLY B 129 -9.13 3.49 -23.30
C GLY B 129 -7.98 3.50 -22.30
N ALA B 130 -6.75 3.34 -22.77
CA ALA B 130 -5.58 3.31 -21.90
C ALA B 130 -4.90 4.67 -21.70
N PHE B 131 -5.16 5.63 -22.60
CA PHE B 131 -4.62 6.99 -22.49
C PHE B 131 -5.74 8.03 -22.55
N PRO B 132 -5.74 9.03 -21.63
CA PRO B 132 -4.78 9.21 -20.53
C PRO B 132 -4.86 8.05 -19.53
N PRO B 133 -3.75 7.77 -18.82
CA PRO B 133 -3.76 6.65 -17.88
C PRO B 133 -4.54 7.02 -16.61
N THR B 134 -4.80 6.03 -15.76
CA THR B 134 -5.53 6.27 -14.53
C THR B 134 -4.85 7.33 -13.67
N ALA B 135 -5.67 8.20 -13.08
CA ALA B 135 -5.17 9.26 -12.21
C ALA B 135 -4.41 8.69 -11.04
N ARG B 136 -3.37 9.40 -10.63
CA ARG B 136 -2.67 9.06 -9.39
C ARG B 136 -2.30 10.33 -8.64
N SER B 137 -2.17 10.20 -7.31
CA SER B 137 -1.82 11.31 -6.46
C SER B 137 -0.64 10.88 -5.59
N ILE B 139 1.18 11.46 -2.50
CA ILE B 139 0.83 12.06 -1.22
C ILE B 139 2.00 11.92 -0.28
N PHE B 140 2.52 13.06 0.15
CA PHE B 140 3.66 13.11 1.06
C PHE B 140 3.15 13.44 2.46
N VAL B 141 3.45 12.54 3.39
CA VAL B 141 2.97 12.66 4.75
C VAL B 141 4.13 13.11 5.63
N THR B 142 3.95 14.25 6.31
CA THR B 142 4.97 14.84 7.14
C THR B 142 4.83 14.27 8.57
N GLU B 143 5.81 14.56 9.43
CA GLU B 143 5.87 13.92 10.75
C GLU B 143 4.66 14.25 11.61
N ASP B 144 4.06 15.41 11.35
CA ASP B 144 2.85 15.84 12.05
C ASP B 144 1.58 15.12 11.59
N GLY B 145 1.69 14.27 10.56
CA GLY B 145 0.54 13.55 10.03
C GLY B 145 -0.20 14.29 8.95
N GLU B 146 0.21 15.52 8.66
CA GLU B 146 -0.39 16.28 7.57
C GLU B 146 -0.04 15.64 6.23
N ARG B 147 -0.92 15.82 5.24
CA ARG B 147 -0.71 15.20 3.93
CA ARG B 147 -0.75 15.19 3.94
C ARG B 147 -0.78 16.24 2.82
N SER B 148 0.14 16.12 1.88
CA SER B 148 0.29 17.08 0.83
C SER B 148 0.24 16.33 -0.50
N ASN B 150 -0.34 15.58 -4.63
CA ASN B 150 0.14 16.06 -5.92
C ASN B 150 -0.45 15.17 -6.99
N THR B 151 -1.48 15.69 -7.66
CA THR B 151 -2.42 14.86 -8.40
C THR B 151 -2.35 15.11 -9.87
N TYR B 152 -2.07 14.04 -10.61
CA TYR B 152 -2.15 14.06 -12.07
C TYR B 152 -3.50 13.44 -12.41
N LEU B 153 -4.38 14.25 -13.00
CA LEU B 153 -5.77 13.82 -13.23
C LEU B 153 -5.98 12.69 -14.26
N GLY B 154 -5.05 12.55 -15.21
CA GLY B 154 -5.14 11.47 -16.19
C GLY B 154 -6.55 11.27 -16.73
N ALA B 155 -7.04 10.03 -16.66
CA ALA B 155 -8.34 9.65 -17.19
C ALA B 155 -9.54 10.37 -16.55
N CYS B 156 -9.35 11.02 -15.40
CA CYS B 156 -10.43 11.78 -14.78
C CYS B 156 -10.94 12.89 -15.71
N VAL B 157 -10.11 13.36 -16.64
CA VAL B 157 -10.57 14.43 -17.55
C VAL B 157 -11.67 13.98 -18.52
N GLU B 158 -11.90 12.67 -18.61
CA GLU B 158 -12.88 12.13 -19.55
C GLU B 158 -14.26 11.89 -18.92
N LEU B 159 -14.39 12.07 -17.60
CA LEU B 159 -15.69 11.91 -16.96
C LEU B 159 -16.66 12.98 -17.47
N GLY B 160 -17.82 12.54 -17.93
CA GLY B 160 -18.83 13.45 -18.49
C GLY B 160 -20.23 12.90 -18.37
N PRO B 161 -21.21 13.61 -18.95
CA PRO B 161 -22.62 13.19 -18.86
C PRO B 161 -22.87 11.74 -19.28
N GLU B 162 -22.04 11.18 -20.16
CA GLU B 162 -22.19 9.81 -20.65
C GLU B 162 -22.04 8.77 -19.54
N ASP B 163 -21.56 9.23 -18.38
CA ASP B 163 -21.18 8.35 -17.28
C ASP B 163 -22.21 8.41 -16.18
N VAL B 164 -23.26 9.20 -16.37
CA VAL B 164 -24.36 9.24 -15.43
C VAL B 164 -25.24 8.03 -15.68
N GLU B 165 -25.29 7.13 -14.70
CA GLU B 165 -26.23 6.04 -14.73
C GLU B 165 -27.48 6.56 -14.08
N ALA B 166 -28.44 6.98 -14.91
CA ALA B 166 -29.58 7.76 -14.41
C ALA B 166 -30.46 7.00 -13.40
N ASP B 167 -30.57 5.69 -13.59
CA ASP B 167 -31.35 4.81 -12.71
CA ASP B 167 -31.38 4.87 -12.70
C ASP B 167 -30.74 4.78 -11.32
N VAL B 168 -29.41 4.81 -11.26
CA VAL B 168 -28.70 4.86 -9.99
C VAL B 168 -29.00 6.19 -9.26
N VAL B 169 -28.87 7.33 -9.95
CA VAL B 169 -29.14 8.63 -9.31
C VAL B 169 -30.63 8.70 -8.83
N ALA B 170 -31.55 8.26 -9.70
CA ALA B 170 -32.98 8.16 -9.39
C ALA B 170 -33.25 7.34 -8.12
N ASP B 171 -32.42 6.33 -7.89
CA ASP B 171 -32.60 5.35 -6.81
C ASP B 171 -31.64 5.50 -5.63
N ALA B 172 -31.02 6.67 -5.49
CA ALA B 172 -30.10 6.94 -4.34
C ALA B 172 -30.64 8.02 -3.41
N LYS B 173 -30.68 7.73 -2.11
CA LYS B 173 -31.22 8.71 -1.18
C LYS B 173 -30.45 10.04 -1.27
N VAL B 174 -29.12 9.95 -1.29
CA VAL B 174 -28.29 11.13 -1.44
C VAL B 174 -27.29 10.85 -2.56
N THR B 175 -27.08 11.85 -3.43
CA THR B 175 -25.97 11.89 -4.38
C THR B 175 -25.01 12.99 -3.89
N TYR B 176 -23.77 12.61 -3.66
CA TYR B 176 -22.72 13.46 -3.09
C TYR B 176 -21.57 13.52 -4.08
N PHE B 177 -21.04 14.73 -4.28
CA PHE B 177 -19.92 14.93 -5.19
C PHE B 177 -18.87 15.86 -4.65
N GLU B 178 -17.69 15.82 -5.30
CA GLU B 178 -16.56 16.64 -4.91
C GLU B 178 -16.53 18.00 -5.62
N GLY B 179 -16.22 19.04 -4.88
CA GLY B 179 -15.79 20.32 -5.46
C GLY B 179 -14.63 20.11 -6.42
N TYR B 180 -13.77 19.12 -6.12
CA TYR B 180 -12.63 18.77 -7.00
C TYR B 180 -13.05 18.50 -8.45
N LEU B 181 -14.32 18.17 -8.67
CA LEU B 181 -14.81 17.88 -10.02
C LEU B 181 -14.86 19.12 -10.90
N TRP B 182 -14.68 20.30 -10.30
CA TRP B 182 -14.72 21.52 -11.10
C TRP B 182 -13.41 21.73 -11.89
N ASP B 183 -12.37 20.96 -11.57
CA ASP B 183 -11.07 21.05 -12.28
C ASP B 183 -11.11 20.42 -13.68
N PRO B 184 -11.50 19.13 -13.79
CA PRO B 184 -11.62 18.53 -15.13
C PRO B 184 -12.72 19.22 -15.93
N PRO B 185 -12.70 19.08 -17.28
CA PRO B 185 -13.54 20.00 -18.03
C PRO B 185 -15.04 19.73 -18.04
N ARG B 186 -15.42 18.46 -18.06
CA ARG B 186 -16.80 18.09 -18.39
C ARG B 186 -17.55 17.48 -17.22
N ALA B 187 -16.85 17.26 -16.11
CA ALA B 187 -17.47 16.60 -14.96
C ALA B 187 -18.67 17.38 -14.39
N LYS B 188 -18.58 18.71 -14.37
CA LYS B 188 -19.68 19.56 -13.91
C LYS B 188 -21.00 19.31 -14.68
N GLU B 189 -20.90 18.99 -15.96
CA GLU B 189 -22.09 18.69 -16.77
C GLU B 189 -22.78 17.43 -16.26
N ALA B 190 -21.99 16.42 -15.87
CA ALA B 190 -22.53 15.20 -15.28
C ALA B 190 -23.23 15.54 -13.96
N ILE B 191 -22.60 16.41 -13.17
CA ILE B 191 -23.14 16.79 -11.84
C ILE B 191 -24.48 17.50 -11.98
N LEU B 192 -24.57 18.43 -12.93
CA LEU B 192 -25.84 19.11 -13.16
C LEU B 192 -26.94 18.13 -13.60
N ASP B 193 -26.60 17.15 -14.42
CA ASP B 193 -27.52 16.07 -14.75
C ASP B 193 -27.96 15.29 -13.50
N CYS B 194 -27.00 14.92 -12.67
CA CYS B 194 -27.34 14.29 -11.40
C CYS B 194 -28.30 15.12 -10.55
N ALA B 195 -28.01 16.42 -10.41
CA ALA B 195 -28.86 17.32 -9.60
C ALA B 195 -30.31 17.29 -10.07
N ARG B 196 -30.48 17.37 -11.40
CA ARG B 196 -31.80 17.35 -12.01
CA ARG B 196 -31.81 17.35 -12.01
C ARG B 196 -32.54 16.04 -11.68
N ILE B 197 -31.87 14.92 -11.95
CA ILE B 197 -32.47 13.61 -11.76
C ILE B 197 -32.81 13.36 -10.29
N ALA B 198 -31.82 13.62 -9.43
CA ALA B 198 -31.99 13.45 -8.00
C ALA B 198 -33.18 14.23 -7.48
N HIS B 199 -33.28 15.50 -7.88
CA HIS B 199 -34.34 16.35 -7.35
C HIS B 199 -35.71 15.97 -7.96
N GLN B 200 -35.72 15.49 -9.22
CA GLN B 200 -36.99 15.04 -9.81
C GLN B 200 -37.56 13.81 -9.11
N HIS B 201 -36.68 13.06 -8.46
CA HIS B 201 -37.08 11.84 -7.77
C HIS B 201 -37.15 12.02 -6.27
N GLY B 202 -37.18 13.27 -5.80
CA GLY B 202 -37.30 13.58 -4.37
C GLY B 202 -36.09 13.24 -3.54
N ARG B 203 -34.95 13.08 -4.19
CA ARG B 203 -33.70 12.80 -3.47
C ARG B 203 -32.97 14.09 -3.07
N GLU B 204 -31.88 13.92 -2.34
CA GLU B 204 -31.03 15.04 -1.95
C GLU B 204 -29.66 15.02 -2.56
N SER B 206 -25.64 16.52 -2.36
CA SER B 206 -24.65 16.96 -1.40
C SER B 206 -23.30 17.17 -2.07
N THR B 208 -18.90 18.25 -1.19
CA THR B 208 -17.82 18.75 -0.31
C THR B 208 -17.09 19.86 -1.04
N LEU B 209 -16.71 20.88 -0.29
CA LEU B 209 -15.87 21.95 -0.82
C LEU B 209 -14.42 21.50 -1.14
N SER B 210 -14.04 20.32 -0.63
CA SER B 210 -12.84 19.57 -1.04
C SER B 210 -11.50 20.09 -0.60
N ASP B 211 -11.22 21.37 -0.82
CA ASP B 211 -9.88 21.92 -0.58
C ASP B 211 -9.94 23.44 -0.66
N SER B 212 -9.21 24.13 0.21
CA SER B 212 -9.33 25.60 0.26
C SER B 212 -8.97 26.31 -1.05
N PHE B 213 -7.95 25.80 -1.75
CA PHE B 213 -7.54 26.37 -3.03
C PHE B 213 -8.54 26.06 -4.11
N CYS B 214 -9.12 24.87 -4.06
CA CYS B 214 -10.25 24.51 -4.93
C CYS B 214 -11.40 25.52 -4.75
N VAL B 215 -11.73 25.85 -3.51
CA VAL B 215 -12.71 26.89 -3.26
C VAL B 215 -12.25 28.24 -3.81
N ASP B 216 -10.99 28.60 -3.62
CA ASP B 216 -10.43 29.81 -4.24
CA ASP B 216 -10.53 29.82 -4.23
C ASP B 216 -10.73 29.83 -5.75
N ARG B 217 -10.52 28.69 -6.42
CA ARG B 217 -10.77 28.64 -7.88
C ARG B 217 -12.27 28.75 -8.30
N TYR B 218 -13.18 28.22 -7.49
CA TYR B 218 -14.58 28.03 -7.92
C TYR B 218 -15.62 28.62 -6.97
N ARG B 219 -15.20 29.62 -6.19
CA ARG B 219 -16.01 30.21 -5.12
CA ARG B 219 -16.02 30.18 -5.12
C ARG B 219 -17.42 30.59 -5.59
N GLY B 220 -17.47 31.40 -6.66
CA GLY B 220 -18.73 31.86 -7.19
C GLY B 220 -19.61 30.71 -7.66
N GLU B 221 -19.02 29.72 -8.34
CA GLU B 221 -19.79 28.60 -8.80
C GLU B 221 -20.33 27.73 -7.66
N PHE B 222 -19.51 27.52 -6.63
CA PHE B 222 -19.95 26.75 -5.48
C PHE B 222 -21.12 27.43 -4.74
N LEU B 223 -21.02 28.74 -4.52
CA LEU B 223 -22.11 29.52 -3.93
C LEU B 223 -23.37 29.44 -4.79
N ASP B 224 -23.20 29.44 -6.11
CA ASP B 224 -24.35 29.33 -7.01
C ASP B 224 -25.04 27.97 -6.89
N LEU B 225 -24.25 26.90 -6.74
CA LEU B 225 -24.83 25.57 -6.55
C LEU B 225 -25.68 25.53 -5.30
N ARG B 227 -27.02 28.27 -3.54
CA ARG B 227 -28.10 29.24 -3.52
C ARG B 227 -29.24 28.95 -4.48
N SER B 228 -28.91 28.29 -5.58
CA SER B 228 -29.91 27.86 -6.57
C SER B 228 -30.58 26.54 -6.15
N GLY B 229 -30.11 25.97 -5.04
CA GLY B 229 -30.69 24.73 -4.54
C GLY B 229 -30.25 23.46 -5.27
N LYS B 230 -29.16 23.52 -6.05
CA LYS B 230 -28.66 22.32 -6.71
C LYS B 230 -28.07 21.39 -5.67
N VAL B 231 -27.47 21.99 -4.64
CA VAL B 231 -26.87 21.28 -3.51
CA VAL B 231 -26.94 21.20 -3.53
C VAL B 231 -27.67 21.56 -2.23
N ASP B 232 -28.03 20.50 -1.50
CA ASP B 232 -28.81 20.63 -0.28
C ASP B 232 -27.92 20.58 0.94
N ILE B 233 -26.98 19.65 0.93
CA ILE B 233 -26.11 19.38 2.10
C ILE B 233 -24.66 19.66 1.73
N VAL B 234 -23.98 20.57 2.45
CA VAL B 234 -22.60 20.94 2.13
CA VAL B 234 -22.61 20.92 2.12
C VAL B 234 -21.65 20.53 3.26
N PHE B 235 -20.53 19.92 2.88
CA PHE B 235 -19.41 19.61 3.79
C PHE B 235 -18.27 20.58 3.58
N ALA B 236 -17.72 21.09 4.68
CA ALA B 236 -16.56 21.99 4.63
C ALA B 236 -15.67 21.68 5.83
N ASN B 237 -14.37 21.83 5.67
CA ASN B 237 -13.51 22.01 6.84
C ASN B 237 -13.35 23.51 7.17
N ARG B 238 -12.61 23.82 8.23
CA ARG B 238 -12.50 25.18 8.69
C ARG B 238 -11.96 26.08 7.58
N GLN B 239 -10.86 25.66 6.94
CA GLN B 239 -10.23 26.53 5.95
C GLN B 239 -11.08 26.71 4.68
N GLU B 240 -11.80 25.66 4.29
CA GLU B 240 -12.71 25.76 3.15
C GLU B 240 -13.81 26.77 3.44
N ALA B 241 -14.36 26.72 4.65
CA ALA B 241 -15.44 27.64 5.04
C ALA B 241 -14.98 29.08 5.06
N LEU B 242 -13.80 29.30 5.67
CA LEU B 242 -13.16 30.62 5.65
C LEU B 242 -12.92 31.12 4.22
N SER B 243 -12.39 30.24 3.37
N SER B 243 -12.41 30.23 3.36
CA SER B 243 -12.12 30.58 1.98
CA SER B 243 -12.12 30.57 1.98
C SER B 243 -13.39 30.90 1.22
C SER B 243 -13.39 30.87 1.18
N LEU B 244 -14.46 30.15 1.49
CA LEU B 244 -15.73 30.38 0.77
C LEU B 244 -16.19 31.83 0.88
N TYR B 245 -16.08 32.41 2.07
CA TYR B 245 -16.48 33.79 2.28
C TYR B 245 -15.30 34.78 2.41
N GLN B 246 -14.08 34.31 2.16
CA GLN B 246 -12.89 35.15 2.13
C GLN B 246 -12.80 35.96 3.43
N THR B 247 -12.96 35.23 4.52
CA THR B 247 -12.98 35.83 5.83
C THR B 247 -11.99 35.13 6.75
N ASP B 248 -11.55 35.86 7.78
CA ASP B 248 -10.81 35.28 8.91
C ASP B 248 -11.71 34.95 10.10
N ASP B 249 -12.97 35.37 10.00
CA ASP B 249 -13.97 35.23 11.06
C ASP B 249 -14.78 33.94 10.89
N PHE B 250 -14.41 32.93 11.69
CA PHE B 250 -15.06 31.63 11.60
C PHE B 250 -16.55 31.69 11.92
N GLU B 251 -16.92 32.52 12.89
CA GLU B 251 -18.32 32.74 13.18
C GLU B 251 -19.12 33.32 12.01
N GLU B 252 -18.54 34.28 11.30
CA GLU B 252 -19.17 34.80 10.07
C GLU B 252 -19.37 33.67 9.07
N ALA B 253 -18.32 32.87 8.87
CA ALA B 253 -18.38 31.74 7.94
C ALA B 253 -19.49 30.75 8.30
N LEU B 254 -19.64 30.42 9.60
CA LEU B 254 -20.74 29.55 10.03
C LEU B 254 -22.11 30.16 9.74
N ASN B 255 -22.28 31.44 10.08
CA ASN B 255 -23.56 32.11 9.82
C ASN B 255 -23.88 32.17 8.34
N ARG B 256 -22.87 32.43 7.53
CA ARG B 256 -23.10 32.57 6.09
C ARG B 256 -23.40 31.23 5.43
N ILE B 257 -22.64 30.20 5.79
CA ILE B 257 -22.85 28.87 5.18
C ILE B 257 -24.23 28.32 5.52
N ALA B 258 -24.69 28.60 6.74
CA ALA B 258 -26.04 28.21 7.17
C ALA B 258 -27.14 28.91 6.37
N ALA B 259 -26.90 30.17 5.99
CA ALA B 259 -27.81 30.93 5.16
C ALA B 259 -27.84 30.41 3.72
N ASP B 260 -26.73 29.85 3.26
CA ASP B 260 -26.57 29.48 1.84
C ASP B 260 -26.97 28.05 1.46
N CYS B 261 -27.13 27.17 2.43
CA CYS B 261 -27.55 25.81 2.12
CA CYS B 261 -27.44 25.76 2.19
C CYS B 261 -28.49 25.28 3.20
N LYS B 262 -29.17 24.17 2.89
CA LYS B 262 -30.14 23.64 3.86
C LYS B 262 -29.47 23.06 5.09
N ILE B 263 -28.47 22.22 4.88
CA ILE B 263 -27.69 21.64 5.98
C ILE B 263 -26.20 21.79 5.68
N ALA B 264 -25.42 22.27 6.65
CA ALA B 264 -23.95 22.37 6.49
C ALA B 264 -23.28 21.56 7.61
N ALA B 265 -22.29 20.76 7.24
CA ALA B 265 -21.49 20.03 8.21
C ALA B 265 -20.10 20.60 8.09
N VAL B 266 -19.63 21.26 9.15
CA VAL B 266 -18.34 21.94 9.14
C VAL B 266 -17.40 21.25 10.13
N THR B 267 -16.29 20.71 9.62
CA THR B 267 -15.33 19.98 10.44
C THR B 267 -14.22 20.87 10.93
N SER B 269 -11.13 19.61 12.52
CA SER B 269 -9.99 18.76 12.88
C SER B 269 -10.15 18.21 14.31
N GLU B 270 -9.15 18.45 15.16
CA GLU B 270 -9.14 17.91 16.54
C GLU B 270 -10.28 18.48 17.39
N ASN B 271 -10.89 19.57 16.94
CA ASN B 271 -11.97 20.21 17.66
C ASN B 271 -13.36 19.72 17.23
N GLY B 272 -13.37 18.62 16.48
CA GLY B 272 -14.61 17.96 16.12
C GLY B 272 -15.32 18.60 14.94
N ALA B 273 -16.61 18.85 15.10
CA ALA B 273 -17.42 19.36 13.98
C ALA B 273 -18.61 20.15 14.51
N VAL B 274 -19.29 20.86 13.60
CA VAL B 274 -20.54 21.52 13.92
C VAL B 274 -21.50 21.32 12.76
N ILE B 275 -22.73 20.93 13.07
CA ILE B 275 -23.77 20.74 12.07
C ILE B 275 -24.74 21.91 12.18
N LEU B 276 -25.06 22.50 11.03
CA LEU B 276 -25.92 23.66 10.99
C LEU B 276 -27.13 23.39 10.13
N LYS B 277 -28.30 23.78 10.63
CA LYS B 277 -29.53 23.72 9.86
C LYS B 277 -30.42 24.89 10.27
N GLY B 278 -30.61 25.84 9.37
CA GLY B 278 -31.30 27.09 9.71
C GLY B 278 -30.60 27.77 10.87
N ARG B 279 -31.32 27.90 11.98
CA ARG B 279 -30.78 28.48 13.21
C ARG B 279 -30.22 27.40 14.15
N GLU B 280 -30.44 26.13 13.82
CA GLU B 280 -29.98 25.00 14.64
C GLU B 280 -28.47 24.81 14.50
N ARG B 281 -27.77 24.62 15.62
CA ARG B 281 -26.34 24.27 15.61
C ARG B 281 -26.08 23.10 16.54
N TYR B 282 -25.42 22.07 16.01
CA TYR B 282 -25.09 20.87 16.79
C TYR B 282 -23.59 20.63 16.81
N TYR B 283 -22.95 20.89 17.95
CA TYR B 283 -21.51 20.66 18.11
C TYR B 283 -21.23 19.23 18.52
N VAL B 284 -20.20 18.64 17.90
CA VAL B 284 -19.82 17.25 18.15
C VAL B 284 -18.33 17.19 18.44
N ASN B 285 -17.96 16.44 19.47
CA ASN B 285 -16.57 16.31 19.87
C ASN B 285 -15.82 15.31 18.99
N ALA B 286 -14.51 15.54 18.84
CA ALA B 286 -13.64 14.59 18.16
C ALA B 286 -13.14 13.52 19.13
N ILE B 287 -12.76 12.37 18.59
CA ILE B 287 -12.11 11.32 19.37
C ILE B 287 -10.74 11.79 19.89
N ARG B 288 -10.38 11.39 21.10
CA ARG B 288 -9.04 11.71 21.62
C ARG B 288 -7.96 10.82 20.99
N ILE B 289 -7.08 11.45 20.22
CA ILE B 289 -6.12 10.73 19.37
C ILE B 289 -4.72 10.66 19.97
N ARG B 290 -4.24 9.42 20.16
CA ARG B 290 -2.89 9.17 20.67
C ARG B 290 -1.83 9.79 19.75
N GLU B 291 -2.00 9.56 18.46
CA GLU B 291 -1.10 10.10 17.45
C GLU B 291 -1.72 10.15 16.07
N VAL B 292 -1.52 11.23 15.36
CA VAL B 292 -2.01 11.32 13.98
C VAL B 292 -0.98 10.70 13.03
N VAL B 293 -1.32 9.53 12.53
CA VAL B 293 -0.44 8.77 11.64
C VAL B 293 -0.45 9.40 10.24
N ASP B 294 -1.63 9.54 9.70
CA ASP B 294 -1.82 10.10 8.37
C ASP B 294 -3.22 10.67 8.18
N THR B 295 -3.34 11.98 8.11
CA THR B 295 -4.66 12.60 8.11
C THR B 295 -5.45 12.36 6.80
N THR B 296 -4.81 11.74 5.80
CA THR B 296 -5.45 11.48 4.52
C THR B 296 -6.72 10.69 4.71
N GLY B 297 -7.82 11.24 4.20
CA GLY B 297 -9.13 10.62 4.32
C GLY B 297 -10.04 11.16 5.40
N ALA B 298 -9.53 12.03 6.26
CA ALA B 298 -10.31 12.45 7.43
C ALA B 298 -11.69 13.02 7.04
N GLY B 299 -11.68 14.06 6.21
CA GLY B 299 -12.91 14.66 5.79
C GLY B 299 -13.78 13.69 5.00
N ASP B 300 -13.16 12.87 4.16
CA ASP B 300 -13.91 11.90 3.33
C ASP B 300 -14.70 10.95 4.20
N LEU B 301 -14.03 10.47 5.26
CA LEU B 301 -14.69 9.52 6.19
C LEU B 301 -15.65 10.18 7.19
N PHE B 302 -15.39 11.43 7.57
CA PHE B 302 -16.43 12.18 8.23
C PHE B 302 -17.73 12.18 7.38
N ALA B 303 -17.61 12.41 6.06
CA ALA B 303 -18.78 12.45 5.23
C ALA B 303 -19.40 11.06 5.16
N SER B 304 -18.59 10.00 5.14
CA SER B 304 -19.13 8.62 5.20
C SER B 304 -20.06 8.41 6.38
N GLY B 305 -19.54 8.77 7.55
CA GLY B 305 -20.31 8.50 8.75
C GLY B 305 -21.53 9.39 8.83
N PHE B 306 -21.37 10.68 8.50
CA PHE B 306 -22.51 11.61 8.45
C PHE B 306 -23.62 11.14 7.50
N LEU B 307 -23.23 10.79 6.27
CA LEU B 307 -24.21 10.41 5.28
C LEU B 307 -24.85 9.04 5.60
N TYR B 308 -24.07 8.12 6.16
CA TYR B 308 -24.62 6.85 6.62
C TYR B 308 -25.71 7.12 7.66
N GLY B 309 -25.37 7.91 8.66
CA GLY B 309 -26.34 8.22 9.70
C GLY B 309 -27.56 8.94 9.14
N TYR B 310 -27.33 9.85 8.17
CA TYR B 310 -28.39 10.69 7.65
C TYR B 310 -29.40 9.83 6.93
N THR B 311 -28.89 8.87 6.14
CA THR B 311 -29.78 8.03 5.34
C THR B 311 -30.37 6.87 6.15
N GLN B 312 -30.00 6.80 7.42
CA GLN B 312 -30.62 5.88 8.38
C GLN B 312 -31.64 6.61 9.25
N GLY B 313 -31.86 7.89 8.99
CA GLY B 313 -32.83 8.68 9.74
C GLY B 313 -32.37 9.13 11.12
N ARG B 314 -31.10 9.13 11.35
CA ARG B 314 -30.54 9.63 12.64
C ARG B 314 -30.53 11.12 12.82
N SER B 315 -30.56 11.53 14.08
CA SER B 315 -30.43 12.93 14.41
C SER B 315 -29.14 13.53 13.82
N LEU B 316 -29.17 14.83 13.56
CA LEU B 316 -27.98 15.50 13.00
C LEU B 316 -26.78 15.37 13.94
N GLU B 317 -27.02 15.42 15.26
CA GLU B 317 -25.91 15.23 16.21
C GLU B 317 -25.32 13.83 16.03
N ASP B 318 -26.19 12.83 15.95
CA ASP B 318 -25.72 11.46 15.80
C ASP B 318 -25.00 11.22 14.47
N CYS B 319 -25.43 11.94 13.42
CA CYS B 319 -24.75 11.91 12.13
C CYS B 319 -23.34 12.46 12.30
N GLY B 320 -23.23 13.55 13.07
CA GLY B 320 -21.95 14.14 13.34
C GLY B 320 -21.10 13.20 14.18
N LYS B 321 -21.71 12.54 15.16
CA LYS B 321 -20.97 11.57 15.98
C LYS B 321 -20.38 10.44 15.12
N LEU B 322 -21.20 9.90 14.20
CA LEU B 322 -20.75 8.83 13.30
C LEU B 322 -19.62 9.31 12.38
N GLY B 323 -19.72 10.54 11.88
CA GLY B 323 -18.66 11.13 11.04
C GLY B 323 -17.35 11.25 11.83
N CYS B 324 -17.43 11.75 13.07
CA CYS B 324 -16.23 11.87 13.90
C CYS B 324 -15.58 10.51 14.21
N LEU B 325 -16.42 9.51 14.41
CA LEU B 325 -15.89 8.19 14.72
C LEU B 325 -15.12 7.62 13.53
N ALA B 326 -15.69 7.73 12.33
CA ALA B 326 -15.02 7.20 11.13
C ALA B 326 -13.73 7.98 10.81
N ALA B 327 -13.81 9.30 10.94
CA ALA B 327 -12.69 10.14 10.61
C ALA B 327 -11.53 9.87 11.56
N GLY B 328 -11.85 9.74 12.85
CA GLY B 328 -10.81 9.42 13.83
C GLY B 328 -10.10 8.09 13.60
N ILE B 329 -10.83 7.12 13.09
CA ILE B 329 -10.24 5.83 12.73
C ILE B 329 -9.30 5.92 11.52
N VAL B 330 -9.72 6.62 10.49
CA VAL B 330 -8.91 6.71 9.28
C VAL B 330 -7.58 7.48 9.44
N ILE B 331 -7.51 8.42 10.39
CA ILE B 331 -6.28 9.20 10.56
C ILE B 331 -5.21 8.48 11.38
N GLN B 332 -5.60 7.33 11.94
CA GLN B 332 -4.70 6.52 12.74
C GLN B 332 -4.09 5.36 11.96
N GLN B 333 -4.23 5.39 10.63
CA GLN B 333 -3.66 4.36 9.77
C GLN B 333 -3.10 5.00 8.53
N ILE B 334 -2.14 4.34 7.90
CA ILE B 334 -1.64 4.72 6.58
C ILE B 334 -2.68 4.30 5.54
N GLY B 335 -3.09 5.24 4.69
CA GLY B 335 -4.06 4.94 3.64
C GLY B 335 -5.42 5.55 3.93
N PRO B 336 -6.21 5.84 2.88
CA PRO B 336 -7.34 6.72 3.07
C PRO B 336 -8.68 6.03 3.28
N ARG B 337 -8.67 4.69 3.27
CA ARG B 337 -9.88 3.93 3.49
C ARG B 337 -9.67 2.95 4.63
N PRO B 338 -10.49 3.07 5.70
CA PRO B 338 -10.27 2.22 6.86
C PRO B 338 -10.20 0.75 6.49
N THR B 340 -10.19 -1.54 8.91
CA THR B 340 -10.93 -2.20 9.99
C THR B 340 -12.43 -1.96 9.82
N SER B 341 -13.23 -2.68 10.60
CA SER B 341 -14.70 -2.59 10.48
C SER B 341 -15.27 -1.35 11.16
N LEU B 342 -15.84 -0.48 10.37
CA LEU B 342 -16.46 0.73 10.92
C LEU B 342 -17.77 0.41 11.61
N SER B 343 -18.49 -0.58 11.10
CA SER B 343 -19.72 -1.03 11.72
C SER B 343 -19.46 -1.58 13.13
N GLU B 344 -18.38 -2.35 13.27
CA GLU B 344 -18.05 -2.87 14.59
C GLU B 344 -17.68 -1.72 15.52
N ALA B 345 -16.92 -0.75 15.02
CA ALA B 345 -16.53 0.38 15.89
C ALA B 345 -17.77 1.17 16.33
N ALA B 346 -18.69 1.37 15.39
CA ALA B 346 -19.94 2.11 15.66
C ALA B 346 -20.77 1.38 16.71
N LYS B 347 -20.78 0.06 16.65
CA LYS B 347 -21.51 -0.76 17.61
C LYS B 347 -20.89 -0.62 19.00
N GLN B 348 -19.55 -0.65 19.07
CA GLN B 348 -18.87 -0.55 20.37
C GLN B 348 -19.15 0.82 20.99
N ALA B 349 -19.28 1.83 20.12
CA ALA B 349 -19.53 3.20 20.55
C ALA B 349 -21.00 3.49 20.84
N GLY B 350 -21.87 2.48 20.70
CA GLY B 350 -23.29 2.66 20.95
C GLY B 350 -23.99 3.55 19.94
N LEU B 351 -23.33 3.76 18.80
CA LEU B 351 -23.92 4.50 17.70
C LEU B 351 -24.68 3.53 16.84
N ILE B 352 -24.26 2.26 16.91
CA ILE B 352 -24.95 1.11 16.29
C ILE B 352 -24.95 1.18 14.77
#